data_7CW4
#
_entry.id   7CW4
#
_cell.length_a   144.346
_cell.length_b   54.376
_cell.length_c   108.508
_cell.angle_alpha   90.000
_cell.angle_beta   109.200
_cell.angle_gamma   90.000
#
_symmetry.space_group_name_H-M   'C 1 2 1'
#
loop_
_entity.id
_entity.type
_entity.pdbx_description
1 polymer 'Acetyl-CoA acetyltransferase'
2 non-polymer GLYCEROL
3 water water
#
_entity_poly.entity_id   1
_entity_poly.type   'polypeptide(L)'
_entity_poly.pdbx_seq_one_letter_code
;MSKTVILSAARTPVGKFGGSLKDVKATELGGIAIKAALERANVAASDVEEVIFGTVIQGGQGQIPSRQAARAAGIPWEVQ
TETVNKVCASGLRAVTLADQIIRTGDQSLIVAGGMESMSNSPYILRGARWGYRMGNNEVIDLNVADGLTCAFSGTHMGVY
GGEVAKEDGISREAQDEWAYRSHQRAVSAHKEGRFEEEIVPVTIPQRKGDPIVVAKDEAPREDTTIEKLAKLKPVFDKTA
TVTAGNAPGLNDGGAALVLMSEDRAKQEGRKPLATILAHTAIAVESKDFPRTPGYAINALLEKTGKTIEDIDLFEINEAF
AAVAIASTEIAGIDPEKLNVNGGAVAMGHPIGASGARIIVTLIHALKQRGGGIGIASICSGGGQGDAVMIEVHLEHHHHH
H
;
_entity_poly.pdbx_strand_id   A,B
#
loop_
_chem_comp.id
_chem_comp.type
_chem_comp.name
_chem_comp.formula
GOL non-polymer GLYCEROL 'C3 H8 O3'
#
# COMPACT_ATOMS: atom_id res chain seq x y z
N SER A 2 -25.99 -0.14 -1.26
CA SER A 2 -25.89 -1.00 -0.05
C SER A 2 -24.72 -0.47 0.78
N LYS A 3 -25.01 0.10 1.95
CA LYS A 3 -23.96 0.47 2.92
C LYS A 3 -23.09 -0.76 3.24
N THR A 4 -22.04 -0.51 3.99
CA THR A 4 -21.19 -1.58 4.53
C THR A 4 -21.46 -1.73 6.03
N VAL A 5 -21.53 -2.96 6.51
CA VAL A 5 -21.62 -3.16 7.97
C VAL A 5 -20.31 -3.80 8.45
N ILE A 6 -20.06 -3.64 9.75
CA ILE A 6 -18.94 -4.28 10.48
C ILE A 6 -19.53 -5.41 11.30
N LEU A 7 -19.11 -6.64 11.03
CA LEU A 7 -19.57 -7.83 11.79
C LEU A 7 -18.77 -8.06 13.07
N SER A 8 -17.51 -7.62 13.11
CA SER A 8 -16.59 -7.94 14.23
C SER A 8 -15.39 -7.00 14.14
N ALA A 9 -14.79 -6.84 15.29
CA ALA A 9 -13.65 -5.91 15.44
C ALA A 9 -12.78 -6.43 16.60
N ALA A 10 -11.50 -6.69 16.33
CA ALA A 10 -10.59 -7.34 17.28
C ALA A 10 -9.22 -6.66 17.20
N ARG A 11 -8.54 -6.56 18.33
CA ARG A 11 -7.16 -6.07 18.32
C ARG A 11 -6.32 -6.88 19.27
N THR A 12 -5.04 -6.99 18.97
CA THR A 12 -4.07 -7.44 19.98
C THR A 12 -3.95 -6.36 21.05
N PRO A 13 -3.40 -6.71 22.22
CA PRO A 13 -2.87 -5.69 23.11
C PRO A 13 -1.79 -4.92 22.34
N VAL A 14 -1.61 -3.67 22.75
CA VAL A 14 -0.48 -2.86 22.22
C VAL A 14 0.73 -3.06 23.12
N GLY A 15 1.87 -3.43 22.53
CA GLY A 15 3.11 -3.64 23.28
C GLY A 15 4.01 -2.41 23.21
N LYS A 16 4.84 -2.25 24.22
CA LYS A 16 5.91 -1.21 24.23
C LYS A 16 7.05 -1.66 23.32
N PHE A 17 7.76 -0.68 22.84
CA PHE A 17 8.96 -0.86 22.01
C PHE A 17 9.94 -1.75 22.75
N GLY A 18 10.31 -2.87 22.14
CA GLY A 18 11.21 -3.83 22.80
C GLY A 18 10.58 -4.53 23.97
N GLY A 19 9.25 -4.52 24.06
CA GLY A 19 8.51 -5.02 25.22
C GLY A 19 7.87 -6.36 24.97
N SER A 20 6.62 -6.47 25.40
CA SER A 20 5.91 -7.73 25.56
C SER A 20 5.76 -8.45 24.23
N LEU A 21 5.62 -7.72 23.11
CA LEU A 21 5.39 -8.36 21.78
C LEU A 21 6.64 -8.32 20.91
N LYS A 22 7.79 -8.06 21.50
CA LYS A 22 9.06 -7.90 20.76
C LYS A 22 9.35 -9.12 19.90
N ASP A 23 8.97 -10.32 20.32
CA ASP A 23 9.33 -11.58 19.60
C ASP A 23 8.26 -11.93 18.58
N VAL A 24 7.27 -11.06 18.32
CA VAL A 24 6.18 -11.38 17.37
C VAL A 24 6.29 -10.48 16.13
N LYS A 25 6.28 -11.09 14.95
CA LYS A 25 6.33 -10.32 13.68
C LYS A 25 5.08 -9.47 13.53
N ALA A 26 5.17 -8.34 12.81
CA ALA A 26 3.95 -7.57 12.47
C ALA A 26 2.89 -8.47 11.84
N THR A 27 3.29 -9.28 10.85
CA THR A 27 2.32 -10.12 10.10
C THR A 27 1.64 -11.14 11.04
N GLU A 28 2.35 -11.60 12.08
CA GLU A 28 1.75 -12.56 13.06
C GLU A 28 0.74 -11.78 13.93
N LEU A 29 1.03 -10.55 14.35
CA LEU A 29 0.03 -9.74 15.08
C LEU A 29 -1.18 -9.47 14.19
N GLY A 30 -0.97 -9.18 12.90
CA GLY A 30 -2.12 -9.04 11.96
C GLY A 30 -2.93 -10.32 11.90
N GLY A 31 -2.26 -11.45 11.70
CA GLY A 31 -2.92 -12.78 11.64
C GLY A 31 -3.77 -13.06 12.86
N ILE A 32 -3.23 -12.77 14.04
CA ILE A 32 -3.95 -13.04 15.32
C ILE A 32 -5.23 -12.20 15.36
N ALA A 33 -5.13 -10.91 15.04
CA ALA A 33 -6.30 -10.03 15.00
C ALA A 33 -7.33 -10.49 13.97
N ILE A 34 -6.88 -10.84 12.77
CA ILE A 34 -7.80 -11.29 11.68
C ILE A 34 -8.52 -12.58 12.13
N LYS A 35 -7.78 -13.52 12.66
CA LYS A 35 -8.38 -14.84 13.05
C LYS A 35 -9.43 -14.60 14.14
N ALA A 36 -9.14 -13.77 15.13
CA ALA A 36 -10.11 -13.41 16.17
C ALA A 36 -11.32 -12.74 15.55
N ALA A 37 -11.13 -11.73 14.68
CA ALA A 37 -12.29 -11.09 14.01
C ALA A 37 -13.14 -12.12 13.25
N LEU A 38 -12.54 -13.08 12.55
CA LEU A 38 -13.32 -14.07 11.78
C LEU A 38 -14.14 -14.92 12.76
N GLU A 39 -13.53 -15.38 13.86
CA GLU A 39 -14.22 -16.24 14.85
C GLU A 39 -15.41 -15.47 15.45
N ARG A 40 -15.20 -14.23 15.85
CA ARG A 40 -16.24 -13.40 16.50
C ARG A 40 -17.35 -13.06 15.53
N ALA A 41 -17.06 -12.95 14.23
CA ALA A 41 -18.08 -12.67 13.19
C ALA A 41 -18.82 -13.98 12.83
N ASN A 42 -18.34 -15.13 13.28
CA ASN A 42 -18.78 -16.47 12.80
C ASN A 42 -18.72 -16.46 11.26
N VAL A 43 -17.55 -16.08 10.72
CA VAL A 43 -17.28 -16.08 9.25
C VAL A 43 -16.19 -17.12 8.99
N ALA A 44 -16.42 -18.02 8.03
CA ALA A 44 -15.37 -18.99 7.59
C ALA A 44 -14.26 -18.21 6.86
N ALA A 45 -13.01 -18.50 7.21
CA ALA A 45 -11.82 -17.90 6.55
C ALA A 45 -11.93 -18.09 5.03
N SER A 46 -12.45 -19.21 4.53
CA SER A 46 -12.50 -19.47 3.06
C SER A 46 -13.57 -18.62 2.36
N ASP A 47 -14.51 -17.99 3.08
CA ASP A 47 -15.55 -17.13 2.49
C ASP A 47 -15.05 -15.67 2.36
N VAL A 48 -13.92 -15.33 2.94
CA VAL A 48 -13.38 -13.94 2.80
C VAL A 48 -13.05 -13.74 1.29
N GLU A 49 -13.37 -12.58 0.74
CA GLU A 49 -13.18 -12.32 -0.70
C GLU A 49 -11.96 -11.43 -0.94
N GLU A 50 -11.56 -10.64 0.06
CA GLU A 50 -10.40 -9.73 -0.09
C GLU A 50 -9.88 -9.41 1.31
N VAL A 51 -8.57 -9.22 1.42
CA VAL A 51 -7.90 -8.75 2.66
C VAL A 51 -7.19 -7.46 2.28
N ILE A 52 -7.57 -6.37 2.93
CA ILE A 52 -6.89 -5.07 2.73
C ILE A 52 -6.22 -4.75 4.07
N PHE A 53 -4.89 -4.71 4.10
CA PHE A 53 -4.19 -4.52 5.39
C PHE A 53 -3.14 -3.42 5.28
N GLY A 54 -3.10 -2.56 6.30
CA GLY A 54 -2.12 -1.46 6.39
C GLY A 54 -0.90 -1.82 7.21
N THR A 55 0.25 -1.31 6.79
CA THR A 55 1.49 -1.36 7.60
C THR A 55 2.45 -0.34 7.00
N VAL A 56 3.15 0.39 7.86
CA VAL A 56 3.97 1.50 7.36
C VAL A 56 5.42 1.10 7.11
N ILE A 57 6.05 0.38 8.04
CA ILE A 57 7.50 0.06 7.90
C ILE A 57 7.57 -1.32 7.21
N GLN A 58 7.28 -1.30 5.93
CA GLN A 58 7.25 -2.56 5.13
C GLN A 58 8.66 -3.10 4.93
N GLY A 59 9.68 -2.26 4.96
CA GLY A 59 11.03 -2.74 4.68
C GLY A 59 11.43 -3.87 5.58
N GLY A 60 11.76 -5.01 4.95
CA GLY A 60 12.21 -6.23 5.61
C GLY A 60 11.09 -7.15 6.01
N GLN A 61 9.83 -6.76 5.80
CA GLN A 61 8.71 -7.66 6.16
C GLN A 61 8.51 -8.73 5.11
N GLY A 62 9.19 -8.66 3.95
CA GLY A 62 8.96 -9.64 2.88
C GLY A 62 7.80 -9.27 1.97
N GLN A 63 7.65 -10.02 0.89
CA GLN A 63 6.61 -9.74 -0.12
C GLN A 63 5.23 -9.56 0.52
N ILE A 64 4.53 -8.52 0.07
CA ILE A 64 3.09 -8.22 0.35
C ILE A 64 2.68 -8.70 1.74
N PRO A 65 3.05 -7.93 2.78
CA PRO A 65 2.76 -8.34 4.16
C PRO A 65 1.29 -8.67 4.48
N SER A 66 0.33 -8.04 3.79
CA SER A 66 -1.12 -8.33 3.96
C SER A 66 -1.36 -9.84 3.72
N ARG A 67 -0.62 -10.40 2.77
CA ARG A 67 -0.81 -11.82 2.38
C ARG A 67 -0.27 -12.71 3.49
N GLN A 68 0.84 -12.31 4.08
CA GLN A 68 1.45 -13.03 5.23
C GLN A 68 0.44 -13.02 6.38
N ALA A 69 -0.19 -11.89 6.67
CA ALA A 69 -1.13 -11.77 7.79
C ALA A 69 -2.33 -12.64 7.49
N ALA A 70 -2.84 -12.61 6.25
CA ALA A 70 -4.00 -13.41 5.84
C ALA A 70 -3.68 -14.91 6.04
N ARG A 71 -2.58 -15.39 5.52
CA ARG A 71 -2.20 -16.82 5.68
C ARG A 71 -2.00 -17.14 7.17
N ALA A 72 -1.41 -16.23 7.97
CA ALA A 72 -1.17 -16.53 9.40
C ALA A 72 -2.54 -16.69 10.11
N ALA A 73 -3.60 -16.03 9.63
CA ALA A 73 -4.98 -16.15 10.15
C ALA A 73 -5.68 -17.43 9.66
N GLY A 74 -5.10 -18.14 8.72
CA GLY A 74 -5.75 -19.33 8.11
C GLY A 74 -6.63 -19.03 6.95
N ILE A 75 -6.54 -17.82 6.40
CA ILE A 75 -7.24 -17.52 5.13
C ILE A 75 -6.53 -18.24 3.98
N PRO A 76 -7.26 -18.99 3.13
CA PRO A 76 -6.66 -19.76 2.05
C PRO A 76 -5.95 -18.89 0.99
N TRP A 77 -5.08 -19.55 0.23
CA TRP A 77 -4.30 -18.93 -0.86
C TRP A 77 -5.23 -18.25 -1.85
N GLU A 78 -6.47 -18.72 -2.02
CA GLU A 78 -7.34 -18.28 -3.13
C GLU A 78 -7.94 -16.91 -2.83
N VAL A 79 -7.62 -16.27 -1.71
CA VAL A 79 -8.22 -14.97 -1.32
C VAL A 79 -7.26 -13.84 -1.71
N GLN A 80 -7.75 -12.90 -2.49
CA GLN A 80 -6.94 -11.79 -3.00
C GLN A 80 -6.62 -10.81 -1.86
N THR A 81 -5.54 -10.06 -2.03
CA THR A 81 -5.08 -9.12 -0.98
C THR A 81 -4.19 -8.03 -1.59
N GLU A 82 -4.14 -6.89 -0.88
CA GLU A 82 -3.12 -5.85 -1.12
C GLU A 82 -2.83 -5.20 0.21
N THR A 83 -1.62 -4.66 0.27
CA THR A 83 -1.08 -3.90 1.42
C THR A 83 -1.13 -2.40 1.11
N VAL A 84 -1.64 -1.64 2.07
CA VAL A 84 -1.82 -0.19 1.89
C VAL A 84 -0.95 0.55 2.92
N ASN A 85 -0.51 1.73 2.50
CA ASN A 85 0.34 2.64 3.29
C ASN A 85 -0.22 4.04 3.15
N LYS A 86 -0.79 4.52 4.24
CA LYS A 86 -1.17 5.94 4.39
C LYS A 86 -0.58 6.40 5.72
N VAL A 87 0.70 6.04 5.96
CA VAL A 87 1.43 6.28 7.24
C VAL A 87 0.48 5.97 8.39
N CYS A 88 0.33 6.86 9.38
CA CYS A 88 -0.47 6.68 10.61
C CYS A 88 -1.92 6.32 10.30
N ALA A 89 -2.41 6.66 9.11
CA ALA A 89 -3.83 6.39 8.79
C ALA A 89 -3.99 5.03 8.12
N SER A 90 -2.92 4.25 7.91
CA SER A 90 -2.99 3.02 7.06
C SER A 90 -4.17 2.11 7.50
N GLY A 91 -4.26 1.78 8.78
CA GLY A 91 -5.28 0.80 9.26
C GLY A 91 -6.66 1.35 9.10
N LEU A 92 -6.85 2.66 9.12
CA LEU A 92 -8.19 3.25 8.93
C LEU A 92 -8.52 3.29 7.43
N ARG A 93 -7.55 3.66 6.59
CA ARG A 93 -7.78 3.70 5.14
C ARG A 93 -8.04 2.29 4.60
N ALA A 94 -7.46 1.25 5.17
CA ALA A 94 -7.78 -0.13 4.78
C ALA A 94 -9.29 -0.35 4.93
N VAL A 95 -9.84 0.11 6.03
CA VAL A 95 -11.30 -0.02 6.35
C VAL A 95 -12.11 0.81 5.39
N THR A 96 -11.78 2.07 5.16
CA THR A 96 -12.58 2.92 4.28
C THR A 96 -12.46 2.46 2.81
N LEU A 97 -11.31 1.91 2.37
CA LEU A 97 -11.19 1.33 1.01
C LEU A 97 -12.08 0.10 0.91
N ALA A 98 -12.11 -0.78 1.93
CA ALA A 98 -13.00 -1.96 1.97
C ALA A 98 -14.45 -1.50 1.84
N ASP A 99 -14.82 -0.43 2.53
CA ASP A 99 -16.21 0.14 2.43
C ASP A 99 -16.49 0.52 0.96
N GLN A 100 -15.56 1.19 0.31
CA GLN A 100 -15.73 1.70 -1.08
C GLN A 100 -15.88 0.50 -1.97
N ILE A 101 -15.03 -0.50 -1.84
CA ILE A 101 -15.13 -1.70 -2.75
C ILE A 101 -16.46 -2.44 -2.53
N ILE A 102 -16.88 -2.63 -1.30
CA ILE A 102 -18.21 -3.27 -1.02
C ILE A 102 -19.33 -2.42 -1.62
N ARG A 103 -19.24 -1.10 -1.57
CA ARG A 103 -20.31 -0.23 -2.10
C ARG A 103 -20.39 -0.36 -3.62
N THR A 104 -19.34 -0.77 -4.32
CA THR A 104 -19.42 -0.98 -5.77
C THR A 104 -20.25 -2.24 -6.08
N GLY A 105 -20.38 -3.18 -5.14
CA GLY A 105 -20.86 -4.54 -5.41
C GLY A 105 -19.79 -5.48 -5.92
N ASP A 106 -18.54 -5.04 -6.13
CA ASP A 106 -17.48 -5.96 -6.64
C ASP A 106 -17.18 -7.08 -5.66
N GLN A 107 -17.24 -6.81 -4.36
CA GLN A 107 -17.03 -7.80 -3.29
C GLN A 107 -18.09 -7.54 -2.21
N SER A 108 -18.40 -8.53 -1.43
CA SER A 108 -19.41 -8.36 -0.37
C SER A 108 -18.85 -8.74 1.02
N LEU A 109 -17.62 -9.27 1.13
CA LEU A 109 -17.04 -9.72 2.43
C LEU A 109 -15.52 -9.50 2.40
N ILE A 110 -15.07 -8.51 3.18
CA ILE A 110 -13.64 -8.09 3.17
C ILE A 110 -13.16 -8.06 4.62
N VAL A 111 -11.93 -8.48 4.84
CA VAL A 111 -11.20 -8.24 6.11
C VAL A 111 -10.30 -7.03 5.91
N ALA A 112 -10.35 -6.07 6.83
CA ALA A 112 -9.46 -4.92 6.73
C ALA A 112 -8.90 -4.62 8.12
N GLY A 113 -7.74 -3.96 8.12
CA GLY A 113 -7.12 -3.57 9.38
C GLY A 113 -5.67 -3.20 9.14
N GLY A 114 -4.88 -3.23 10.23
CA GLY A 114 -3.48 -2.83 10.14
C GLY A 114 -2.67 -3.50 11.19
N MET A 115 -1.34 -3.38 11.03
CA MET A 115 -0.38 -4.03 11.91
C MET A 115 0.91 -3.21 11.88
N GLU A 116 1.69 -3.32 12.94
CA GLU A 116 3.04 -2.74 13.00
C GLU A 116 3.79 -3.44 14.11
N SER A 117 5.06 -3.76 13.84
CA SER A 117 6.02 -4.19 14.87
C SER A 117 7.18 -3.22 14.78
N MET A 118 7.05 -2.06 15.41
CA MET A 118 8.15 -1.08 15.44
C MET A 118 9.37 -1.69 16.15
N SER A 119 9.16 -2.66 17.05
CA SER A 119 10.29 -3.35 17.72
C SER A 119 11.17 -4.07 16.67
N ASN A 120 10.60 -4.54 15.56
CA ASN A 120 11.31 -5.44 14.62
C ASN A 120 11.70 -4.74 13.32
N SER A 121 11.50 -3.46 13.22
CA SER A 121 11.93 -2.75 11.99
C SER A 121 13.44 -2.83 11.88
N PRO A 122 13.98 -3.00 10.67
CA PRO A 122 15.43 -3.11 10.52
C PRO A 122 16.12 -1.76 10.56
N TYR A 123 17.46 -1.84 10.44
CA TYR A 123 18.35 -0.76 10.05
C TYR A 123 18.72 -0.93 8.58
N ILE A 124 18.98 0.19 7.90
CA ILE A 124 19.33 0.17 6.46
C ILE A 124 20.64 0.88 6.19
N LEU A 125 21.21 0.51 5.04
CA LEU A 125 22.44 1.09 4.48
C LEU A 125 22.10 1.61 3.08
N ARG A 126 22.10 2.91 2.86
CA ARG A 126 21.73 3.47 1.53
C ARG A 126 22.87 3.37 0.51
N GLY A 127 24.11 3.28 0.95
CA GLY A 127 25.29 3.31 0.04
C GLY A 127 25.99 1.99 -0.12
N ALA A 128 25.52 0.93 0.51
CA ALA A 128 26.21 -0.38 0.51
C ALA A 128 26.12 -1.02 -0.88
N ARG A 129 25.10 -0.69 -1.66
CA ARG A 129 24.89 -1.35 -2.98
C ARG A 129 25.95 -0.92 -3.96
N TRP A 130 26.13 0.39 -4.12
CA TRP A 130 27.06 0.94 -5.13
C TRP A 130 28.35 1.44 -4.48
N GLY A 131 28.42 1.42 -3.14
CA GLY A 131 29.66 1.70 -2.40
C GLY A 131 29.70 3.07 -1.76
N TYR A 132 30.20 3.17 -0.54
CA TYR A 132 30.46 4.44 0.19
C TYR A 132 31.73 5.10 -0.37
N ARG A 133 32.64 4.29 -0.91
CA ARG A 133 33.96 4.71 -1.47
C ARG A 133 34.90 5.17 -0.34
N MET A 134 34.62 6.30 0.31
CA MET A 134 35.42 6.70 1.47
C MET A 134 34.63 7.66 2.35
N GLY A 135 34.99 7.67 3.63
CA GLY A 135 34.37 8.54 4.61
C GLY A 135 33.26 7.81 5.34
N ASN A 136 33.00 8.25 6.54
CA ASN A 136 31.92 7.67 7.40
C ASN A 136 30.58 8.05 6.83
N ASN A 137 29.58 7.21 7.08
CA ASN A 137 28.21 7.45 6.59
C ASN A 137 27.26 6.96 7.68
N GLU A 138 26.00 6.82 7.32
CA GLU A 138 24.92 6.63 8.32
C GLU A 138 24.34 5.22 8.20
N VAL A 139 24.13 4.59 9.33
CA VAL A 139 23.29 3.38 9.39
C VAL A 139 21.93 3.83 9.97
N ILE A 140 20.88 3.54 9.25
CA ILE A 140 19.60 4.31 9.37
C ILE A 140 18.51 3.43 9.99
N ASP A 141 17.90 3.96 11.04
CA ASP A 141 16.75 3.31 11.71
C ASP A 141 15.53 3.46 10.80
N LEU A 142 14.96 2.36 10.32
CA LEU A 142 13.89 2.46 9.31
C LEU A 142 12.59 2.97 9.93
N ASN A 143 12.41 2.84 11.26
CA ASN A 143 11.23 3.50 11.89
C ASN A 143 11.39 5.01 11.74
N VAL A 144 12.60 5.51 11.91
CA VAL A 144 12.87 6.97 11.82
C VAL A 144 12.71 7.39 10.34
N ALA A 145 13.37 6.70 9.41
CA ALA A 145 13.44 7.12 7.99
C ALA A 145 12.09 7.04 7.29
N ASP A 146 11.32 5.97 7.49
CA ASP A 146 10.08 5.70 6.71
C ASP A 146 8.82 6.04 7.50
N GLY A 147 8.88 6.19 8.84
CA GLY A 147 7.65 6.37 9.64
C GLY A 147 7.61 7.70 10.38
N LEU A 148 8.73 8.12 10.98
CA LEU A 148 8.71 9.18 12.01
C LEU A 148 9.32 10.50 11.54
N THR A 149 9.85 10.58 10.33
CA THR A 149 10.43 11.84 9.80
C THR A 149 9.74 12.19 8.50
N CYS A 150 9.65 13.48 8.20
CA CYS A 150 9.03 13.96 6.96
C CYS A 150 9.93 13.61 5.78
N ALA A 151 9.37 13.07 4.70
CA ALA A 151 10.15 12.69 3.51
C ALA A 151 10.71 13.96 2.86
N PHE A 152 10.07 15.12 3.05
CA PHE A 152 10.46 16.38 2.37
C PHE A 152 11.53 17.14 3.15
N SER A 153 11.40 17.29 4.46
CA SER A 153 12.33 18.12 5.28
C SER A 153 13.30 17.25 6.12
N GLY A 154 12.98 15.98 6.41
CA GLY A 154 13.72 15.18 7.37
C GLY A 154 13.35 15.47 8.82
N THR A 155 12.38 16.35 9.06
CA THR A 155 12.02 16.79 10.42
C THR A 155 11.18 15.70 11.10
N HIS A 156 11.46 15.45 12.37
CA HIS A 156 10.70 14.46 13.15
C HIS A 156 9.25 14.91 13.28
N MET A 157 8.30 13.99 13.22
CA MET A 157 6.87 14.27 13.45
C MET A 157 6.67 15.00 14.81
N GLY A 158 7.47 14.66 15.82
CA GLY A 158 7.38 15.27 17.15
C GLY A 158 7.75 16.74 17.14
N VAL A 159 8.64 17.16 16.24
CA VAL A 159 8.93 18.61 16.11
C VAL A 159 7.70 19.31 15.59
N TYR A 160 7.04 18.73 14.58
CA TYR A 160 5.79 19.32 14.06
C TYR A 160 4.69 19.33 15.14
N GLY A 161 4.56 18.29 15.95
CA GLY A 161 3.53 18.27 17.00
C GLY A 161 3.79 19.41 17.97
N GLY A 162 5.05 19.64 18.38
CA GLY A 162 5.36 20.72 19.34
C GLY A 162 5.18 22.10 18.70
N GLU A 163 5.47 22.24 17.43
CA GLU A 163 5.30 23.53 16.70
C GLU A 163 3.80 23.86 16.69
N VAL A 164 2.94 22.91 16.34
CA VAL A 164 1.48 23.14 16.28
C VAL A 164 0.96 23.42 17.71
N ALA A 165 1.38 22.68 18.73
CA ALA A 165 0.96 22.95 20.12
C ALA A 165 1.26 24.40 20.50
N LYS A 166 2.43 24.85 20.13
CA LYS A 166 2.88 26.23 20.47
C LYS A 166 2.00 27.23 19.75
N GLU A 167 1.78 27.05 18.45
CA GLU A 167 0.96 27.99 17.67
C GLU A 167 -0.48 27.94 18.14
N ASP A 168 -0.96 26.79 18.61
CA ASP A 168 -2.37 26.68 19.09
C ASP A 168 -2.45 27.27 20.51
N GLY A 169 -1.36 27.67 21.16
CA GLY A 169 -1.43 28.14 22.55
C GLY A 169 -1.75 27.04 23.56
N ILE A 170 -1.40 25.79 23.28
CA ILE A 170 -1.69 24.68 24.22
C ILE A 170 -0.53 24.50 25.18
N SER A 171 -0.75 24.82 26.45
CA SER A 171 0.32 24.83 27.47
C SER A 171 0.88 23.43 27.71
N ARG A 172 2.11 23.41 28.18
CA ARG A 172 2.76 22.22 28.77
C ARG A 172 1.78 21.61 29.78
N GLU A 173 1.19 22.42 30.66
CA GLU A 173 0.32 21.90 31.75
C GLU A 173 -0.95 21.23 31.19
N ALA A 174 -1.59 21.83 30.18
CA ALA A 174 -2.77 21.22 29.53
C ALA A 174 -2.38 19.88 28.90
N GLN A 175 -1.22 19.80 28.27
CA GLN A 175 -0.79 18.53 27.61
C GLN A 175 -0.57 17.46 28.68
N ASP A 176 0.09 17.81 29.78
CA ASP A 176 0.36 16.83 30.88
C ASP A 176 -0.94 16.40 31.53
N GLU A 177 -1.89 17.32 31.71
CA GLU A 177 -3.25 16.96 32.22
C GLU A 177 -3.94 15.97 31.29
N TRP A 178 -3.86 16.16 29.98
CA TRP A 178 -4.47 15.19 29.05
C TRP A 178 -3.74 13.86 29.13
N ALA A 179 -2.41 13.91 29.21
CA ALA A 179 -1.63 12.67 29.31
C ALA A 179 -2.10 11.89 30.54
N TYR A 180 -2.29 12.60 31.66
CA TYR A 180 -2.70 11.94 32.94
C TYR A 180 -4.08 11.31 32.76
N ARG A 181 -5.00 11.99 32.10
CA ARG A 181 -6.38 11.49 31.97
C ARG A 181 -6.38 10.31 31.02
N SER A 182 -5.51 10.33 30.00
CA SER A 182 -5.42 9.22 29.03
C SER A 182 -4.97 7.95 29.77
N HIS A 183 -3.92 8.05 30.59
CA HIS A 183 -3.51 6.89 31.43
C HIS A 183 -4.65 6.47 32.37
N GLN A 184 -5.22 7.40 33.11
CA GLN A 184 -6.27 7.00 34.11
C GLN A 184 -7.43 6.27 33.39
N ARG A 185 -7.85 6.76 32.23
CA ARG A 185 -8.95 6.14 31.45
C ARG A 185 -8.56 4.77 30.93
N ALA A 186 -7.32 4.59 30.46
CA ALA A 186 -6.89 3.27 29.94
C ALA A 186 -6.77 2.25 31.06
N VAL A 187 -6.22 2.67 32.20
CA VAL A 187 -6.08 1.80 33.38
C VAL A 187 -7.47 1.39 33.88
N SER A 188 -8.36 2.35 34.01
CA SER A 188 -9.76 2.10 34.46
C SER A 188 -10.48 1.16 33.47
N ALA A 189 -10.29 1.38 32.17
CA ALA A 189 -10.94 0.51 31.17
C ALA A 189 -10.43 -0.93 31.35
N HIS A 190 -9.14 -1.13 31.47
CA HIS A 190 -8.53 -2.47 31.67
C HIS A 190 -9.12 -3.07 32.96
N LYS A 191 -9.11 -2.32 34.05
CA LYS A 191 -9.48 -2.88 35.39
C LYS A 191 -10.97 -3.21 35.42
N GLU A 192 -11.80 -2.39 34.81
CA GLU A 192 -13.28 -2.51 34.87
C GLU A 192 -13.81 -3.41 33.74
N GLY A 193 -12.93 -4.08 32.97
CA GLY A 193 -13.35 -5.08 31.96
C GLY A 193 -13.72 -4.48 30.61
N ARG A 194 -13.46 -3.19 30.37
CA ARG A 194 -13.90 -2.50 29.12
C ARG A 194 -12.95 -2.81 27.93
N PHE A 195 -11.85 -3.51 28.12
CA PHE A 195 -11.06 -3.98 26.95
C PHE A 195 -11.14 -5.48 26.80
N GLU A 196 -11.82 -6.21 27.70
CA GLU A 196 -11.86 -7.71 27.63
C GLU A 196 -12.46 -8.15 26.29
N GLU A 197 -13.52 -7.51 25.84
CA GLU A 197 -14.23 -7.94 24.63
C GLU A 197 -13.35 -7.70 23.38
N GLU A 198 -12.73 -6.55 23.24
CA GLU A 198 -12.05 -6.20 21.98
C GLU A 198 -10.69 -6.90 21.87
N ILE A 199 -10.01 -7.21 22.97
CA ILE A 199 -8.63 -7.75 22.91
C ILE A 199 -8.68 -9.22 22.58
N VAL A 200 -7.76 -9.65 21.71
CA VAL A 200 -7.39 -11.08 21.54
C VAL A 200 -5.98 -11.22 22.09
N PRO A 201 -5.80 -12.08 23.11
CA PRO A 201 -4.50 -12.24 23.69
C PRO A 201 -3.54 -12.86 22.67
N VAL A 202 -2.28 -12.50 22.81
CA VAL A 202 -1.18 -13.06 21.96
C VAL A 202 -0.47 -14.14 22.76
N THR A 203 -0.40 -15.35 22.21
CA THR A 203 0.35 -16.48 22.84
C THR A 203 1.71 -16.60 22.16
N ILE A 204 2.76 -16.57 22.96
CA ILE A 204 4.17 -16.55 22.48
C ILE A 204 4.86 -17.81 22.99
N PRO A 205 5.02 -18.88 22.18
CA PRO A 205 5.80 -20.05 22.61
C PRO A 205 7.22 -19.62 23.01
N GLN A 206 7.81 -20.30 24.00
CA GLN A 206 9.10 -19.92 24.64
C GLN A 206 10.15 -20.99 24.31
N ARG A 207 11.42 -20.59 24.34
CA ARG A 207 12.57 -21.51 24.14
C ARG A 207 12.73 -22.39 25.40
N LYS A 208 11.98 -22.08 26.47
CA LYS A 208 11.94 -22.87 27.74
C LYS A 208 10.57 -23.53 27.91
N GLY A 209 9.78 -23.13 28.93
CA GLY A 209 8.61 -23.88 29.44
C GLY A 209 7.34 -23.57 28.66
N ASP A 210 6.27 -23.15 29.35
CA ASP A 210 4.93 -22.84 28.79
C ASP A 210 4.95 -21.52 28.02
N PRO A 211 4.02 -21.31 27.05
CA PRO A 211 3.97 -20.03 26.30
C PRO A 211 3.61 -18.88 27.24
N ILE A 212 4.11 -17.68 26.94
CA ILE A 212 3.69 -16.42 27.61
C ILE A 212 2.42 -15.92 26.92
N VAL A 213 1.42 -15.56 27.72
CA VAL A 213 0.14 -15.01 27.17
C VAL A 213 0.13 -13.52 27.48
N VAL A 214 0.10 -12.70 26.45
CA VAL A 214 0.01 -11.24 26.62
C VAL A 214 -1.45 -10.86 26.38
N ALA A 215 -2.15 -10.35 27.41
CA ALA A 215 -3.61 -10.07 27.34
C ALA A 215 -3.96 -8.63 27.71
N LYS A 216 -2.97 -7.82 28.07
CA LYS A 216 -3.17 -6.45 28.57
C LYS A 216 -2.30 -5.49 27.78
N ASP A 217 -2.82 -4.30 27.49
CA ASP A 217 -1.96 -3.21 26.95
C ASP A 217 -0.80 -2.97 27.91
N GLU A 218 0.42 -2.84 27.37
CA GLU A 218 1.63 -2.75 28.22
C GLU A 218 1.86 -1.32 28.69
N ALA A 219 1.53 -0.30 27.94
CA ALA A 219 2.01 1.08 28.15
C ALA A 219 1.23 1.85 29.22
N PRO A 220 -0.09 1.61 29.47
CA PRO A 220 -0.74 2.45 30.48
C PRO A 220 -0.14 2.22 31.86
N ARG A 221 -0.06 3.28 32.64
CA ARG A 221 0.56 3.22 34.01
C ARG A 221 -0.40 3.77 35.06
N GLU A 222 -0.71 2.93 36.04
CA GLU A 222 -1.56 3.29 37.19
C GLU A 222 -0.82 4.34 38.01
N ASP A 223 0.52 4.33 38.00
CA ASP A 223 1.35 5.24 38.84
C ASP A 223 1.56 6.60 38.18
N THR A 224 0.92 6.90 37.04
CA THR A 224 1.10 8.20 36.38
C THR A 224 0.69 9.34 37.31
N THR A 225 1.57 10.34 37.42
CA THR A 225 1.29 11.58 38.17
C THR A 225 1.61 12.82 37.35
N ILE A 226 0.89 13.89 37.62
CA ILE A 226 1.23 15.24 37.06
C ILE A 226 2.65 15.59 37.50
N GLU A 227 2.99 15.24 38.75
CA GLU A 227 4.29 15.65 39.33
C GLU A 227 5.42 15.11 38.44
N LYS A 228 5.38 13.82 38.12
CA LYS A 228 6.38 13.18 37.24
C LYS A 228 6.34 13.78 35.83
N LEU A 229 5.14 13.94 35.26
CA LEU A 229 4.98 14.49 33.89
C LEU A 229 5.65 15.87 33.80
N ALA A 230 5.49 16.71 34.81
CA ALA A 230 5.94 18.13 34.82
C ALA A 230 7.46 18.20 34.89
N LYS A 231 8.13 17.15 35.33
CA LYS A 231 9.60 17.12 35.48
C LYS A 231 10.24 16.63 34.18
N LEU A 232 9.48 16.04 33.26
CA LEU A 232 10.13 15.46 32.06
C LEU A 232 10.69 16.56 31.17
N LYS A 233 11.78 16.28 30.46
CA LYS A 233 12.34 17.29 29.51
C LYS A 233 11.69 17.12 28.15
N PRO A 234 11.57 18.22 27.38
CA PRO A 234 11.10 18.14 25.99
C PRO A 234 12.00 17.18 25.22
N VAL A 235 11.41 16.34 24.37
CA VAL A 235 12.08 15.14 23.83
C VAL A 235 12.51 15.39 22.40
N PHE A 236 11.87 16.30 21.65
CA PHE A 236 12.10 16.40 20.19
C PHE A 236 12.77 17.73 19.87
N ASP A 237 12.71 18.68 20.81
CA ASP A 237 13.08 20.09 20.59
C ASP A 237 13.14 20.82 21.93
N LYS A 238 14.28 21.42 22.26
CA LYS A 238 14.54 21.97 23.64
C LYS A 238 13.58 23.12 23.99
N THR A 239 13.04 23.85 23.02
CA THR A 239 12.15 25.04 23.26
C THR A 239 10.69 24.58 23.44
N ALA A 240 10.41 23.30 23.23
CA ALA A 240 9.04 22.83 22.96
C ALA A 240 8.39 22.26 24.22
N THR A 241 7.12 21.89 24.12
CA THR A 241 6.33 21.40 25.27
C THR A 241 6.06 19.89 25.16
N VAL A 242 6.52 19.22 24.09
CA VAL A 242 6.26 17.80 23.89
C VAL A 242 7.35 16.98 24.55
N THR A 243 6.96 16.03 25.37
CA THR A 243 7.86 15.15 26.14
C THR A 243 7.56 13.68 25.82
N ALA A 244 8.34 12.77 26.38
CA ALA A 244 8.12 11.31 26.29
C ALA A 244 6.82 10.98 27.01
N GLY A 245 6.31 11.84 27.89
CA GLY A 245 5.13 11.57 28.73
C GLY A 245 3.84 12.06 28.11
N ASN A 246 3.89 13.11 27.30
CA ASN A 246 2.62 13.66 26.77
C ASN A 246 2.50 13.38 25.27
N ALA A 247 3.26 12.42 24.76
CA ALA A 247 3.11 11.90 23.38
C ALA A 247 3.38 10.43 23.47
N PRO A 248 2.78 9.62 22.59
CA PRO A 248 3.10 8.20 22.53
C PRO A 248 4.54 8.06 22.08
N GLY A 249 5.07 6.88 22.38
CA GLY A 249 6.38 6.43 21.89
C GLY A 249 6.15 5.49 20.73
N LEU A 250 6.95 4.44 20.63
CA LEU A 250 6.92 3.48 19.49
C LEU A 250 6.32 2.20 20.02
N ASN A 251 5.53 1.50 19.21
CA ASN A 251 4.69 0.40 19.73
C ASN A 251 4.47 -0.68 18.69
N ASP A 252 3.95 -1.81 19.18
CA ASP A 252 3.64 -3.01 18.39
C ASP A 252 2.17 -3.39 18.60
N GLY A 253 1.50 -3.74 17.51
CA GLY A 253 0.09 -4.22 17.64
C GLY A 253 -0.55 -4.55 16.30
N GLY A 254 -1.71 -5.21 16.37
CA GLY A 254 -2.49 -5.52 15.19
C GLY A 254 -3.97 -5.31 15.50
N ALA A 255 -4.73 -4.99 14.50
CA ALA A 255 -6.20 -4.80 14.63
C ALA A 255 -6.86 -5.14 13.31
N ALA A 256 -8.10 -5.68 13.38
CA ALA A 256 -8.80 -6.19 12.19
C ALA A 256 -10.30 -6.13 12.41
N LEU A 257 -10.98 -5.93 11.30
CA LEU A 257 -12.45 -5.81 11.26
C LEU A 257 -12.89 -6.70 10.11
N VAL A 258 -14.08 -7.29 10.29
CA VAL A 258 -14.75 -8.03 9.19
C VAL A 258 -15.88 -7.16 8.68
N LEU A 259 -15.86 -6.83 7.38
CA LEU A 259 -16.86 -5.95 6.73
C LEU A 259 -17.69 -6.79 5.75
N MET A 260 -18.97 -6.48 5.68
CA MET A 260 -19.91 -7.19 4.77
C MET A 260 -20.90 -6.17 4.23
N SER A 261 -21.38 -6.36 2.98
CA SER A 261 -22.51 -5.56 2.49
C SER A 261 -23.70 -5.69 3.46
N GLU A 262 -24.35 -4.57 3.69
CA GLU A 262 -25.64 -4.50 4.45
C GLU A 262 -26.60 -5.55 3.87
N ASP A 263 -26.71 -5.65 2.54
CA ASP A 263 -27.65 -6.63 1.92
C ASP A 263 -27.24 -8.07 2.24
N ARG A 264 -25.95 -8.42 2.13
CA ARG A 264 -25.55 -9.80 2.42
C ARG A 264 -25.80 -10.15 3.91
N ALA A 265 -25.50 -9.22 4.82
CA ALA A 265 -25.73 -9.37 6.28
C ALA A 265 -27.24 -9.66 6.53
N LYS A 266 -28.12 -8.84 5.98
CA LYS A 266 -29.60 -9.09 6.04
C LYS A 266 -29.91 -10.48 5.46
N GLN A 267 -29.32 -10.87 4.34
CA GLN A 267 -29.59 -12.17 3.67
C GLN A 267 -29.21 -13.35 4.57
N GLU A 268 -28.15 -13.22 5.35
CA GLU A 268 -27.60 -14.33 6.13
C GLU A 268 -28.21 -14.30 7.56
N GLY A 269 -29.11 -13.34 7.85
CA GLY A 269 -29.73 -13.10 9.17
C GLY A 269 -28.70 -12.70 10.23
N ARG A 270 -27.70 -11.89 9.86
CA ARG A 270 -26.62 -11.47 10.79
C ARG A 270 -27.08 -10.21 11.51
N LYS A 271 -26.69 -10.04 12.78
CA LYS A 271 -26.91 -8.76 13.50
C LYS A 271 -25.59 -8.01 13.41
N PRO A 272 -25.49 -6.93 12.62
CA PRO A 272 -24.21 -6.24 12.55
C PRO A 272 -23.87 -5.56 13.88
N LEU A 273 -22.60 -5.63 14.21
CA LEU A 273 -22.00 -4.86 15.33
C LEU A 273 -22.11 -3.35 15.03
N ALA A 274 -21.82 -2.89 13.82
CA ALA A 274 -21.92 -1.47 13.45
C ALA A 274 -22.21 -1.32 11.95
N THR A 275 -22.63 -0.13 11.57
CA THR A 275 -22.79 0.28 10.15
C THR A 275 -21.82 1.42 9.87
N ILE A 276 -21.15 1.39 8.73
CA ILE A 276 -20.34 2.54 8.32
C ILE A 276 -21.27 3.54 7.66
N LEU A 277 -21.42 4.71 8.23
CA LEU A 277 -22.31 5.74 7.65
C LEU A 277 -21.61 6.54 6.55
N ALA A 278 -20.36 6.95 6.74
CA ALA A 278 -19.65 7.86 5.82
C ALA A 278 -18.21 7.99 6.25
N HIS A 279 -17.37 8.42 5.35
CA HIS A 279 -15.96 8.74 5.68
C HIS A 279 -15.51 9.85 4.75
N THR A 280 -14.46 10.54 5.16
CA THR A 280 -13.84 11.56 4.31
C THR A 280 -12.37 11.70 4.69
N ALA A 281 -11.63 12.34 3.82
CA ALA A 281 -10.22 12.63 4.09
C ALA A 281 -9.89 14.00 3.55
N ILE A 282 -8.94 14.66 4.21
CA ILE A 282 -8.39 15.97 3.82
C ILE A 282 -6.87 15.87 3.83
N ALA A 283 -6.23 16.85 3.26
CA ALA A 283 -4.76 16.88 3.19
C ALA A 283 -4.28 18.33 3.23
N VAL A 284 -3.16 18.52 3.91
CA VAL A 284 -2.51 19.83 4.16
C VAL A 284 -1.00 19.63 3.98
N GLU A 285 -0.26 20.71 4.14
CA GLU A 285 1.22 20.63 4.11
C GLU A 285 1.68 19.67 5.21
N SER A 286 2.76 18.96 4.94
CA SER A 286 3.32 17.95 5.87
C SER A 286 3.46 18.52 7.28
N LYS A 287 4.02 19.73 7.43
CA LYS A 287 4.27 20.24 8.81
C LYS A 287 2.95 20.49 9.58
N ASP A 288 1.79 20.59 8.92
CA ASP A 288 0.45 20.88 9.52
C ASP A 288 -0.29 19.58 9.87
N PHE A 289 0.35 18.41 9.72
CA PHE A 289 -0.38 17.12 9.90
C PHE A 289 -1.09 17.09 11.25
N PRO A 290 -0.55 17.62 12.37
CA PRO A 290 -1.25 17.47 13.66
C PRO A 290 -2.59 18.22 13.78
N ARG A 291 -2.79 19.19 12.89
CA ARG A 291 -4.03 20.01 12.83
C ARG A 291 -5.19 19.25 12.17
N THR A 292 -4.99 18.15 11.43
CA THR A 292 -6.02 17.60 10.54
C THR A 292 -7.22 16.94 11.24
N PRO A 293 -7.16 16.31 12.41
CA PRO A 293 -8.33 15.52 12.86
C PRO A 293 -9.60 16.35 13.07
N GLY A 294 -9.48 17.55 13.66
CA GLY A 294 -10.63 18.46 13.83
C GLY A 294 -11.20 18.87 12.49
N TYR A 295 -10.34 19.20 11.54
CA TYR A 295 -10.79 19.56 10.16
C TYR A 295 -11.45 18.36 9.47
N ALA A 296 -10.93 17.13 9.64
CA ALA A 296 -11.56 15.94 9.00
C ALA A 296 -12.96 15.75 9.57
N ILE A 297 -13.09 15.88 10.89
CA ILE A 297 -14.40 15.78 11.59
C ILE A 297 -15.36 16.85 11.00
N ASN A 298 -14.95 18.11 10.94
CA ASN A 298 -15.82 19.21 10.42
C ASN A 298 -16.22 18.89 8.98
N ALA A 299 -15.31 18.39 8.15
CA ALA A 299 -15.64 18.03 6.76
C ALA A 299 -16.67 16.86 6.75
N LEU A 300 -16.52 15.89 7.64
CA LEU A 300 -17.38 14.70 7.64
C LEU A 300 -18.78 15.13 8.10
N LEU A 301 -18.87 16.07 9.04
CA LEU A 301 -20.18 16.56 9.51
C LEU A 301 -20.87 17.31 8.35
N GLU A 302 -20.13 18.15 7.66
CA GLU A 302 -20.64 18.94 6.51
C GLU A 302 -21.21 17.94 5.48
N LYS A 303 -20.49 16.84 5.24
CA LYS A 303 -20.81 15.86 4.16
C LYS A 303 -22.11 15.16 4.54
N THR A 304 -22.30 14.83 5.80
CA THR A 304 -23.41 13.98 6.29
C THR A 304 -24.59 14.86 6.71
N GLY A 305 -24.44 16.17 6.68
CA GLY A 305 -25.40 17.15 7.22
C GLY A 305 -25.68 16.94 8.70
N LYS A 306 -24.69 16.52 9.49
CA LYS A 306 -24.81 16.38 10.96
C LYS A 306 -24.08 17.52 11.65
N THR A 307 -24.32 17.71 12.95
CA THR A 307 -23.53 18.65 13.75
C THR A 307 -22.88 17.84 14.85
N ILE A 308 -21.94 18.47 15.51
CA ILE A 308 -21.15 17.84 16.59
C ILE A 308 -22.10 17.28 17.66
N GLU A 309 -23.27 17.89 17.89
CA GLU A 309 -24.23 17.41 18.93
C GLU A 309 -24.83 16.06 18.55
N ASP A 310 -24.81 15.64 17.28
CA ASP A 310 -25.41 14.36 16.82
C ASP A 310 -24.49 13.17 17.14
N ILE A 311 -23.27 13.43 17.54
CA ILE A 311 -22.27 12.33 17.71
C ILE A 311 -22.17 11.96 19.18
N ASP A 312 -22.25 10.69 19.49
CA ASP A 312 -22.22 10.19 20.88
C ASP A 312 -20.78 10.08 21.41
N LEU A 313 -19.86 9.51 20.61
CA LEU A 313 -18.46 9.35 21.07
C LEU A 313 -17.49 9.62 19.93
N PHE A 314 -16.32 10.08 20.30
CA PHE A 314 -15.20 10.33 19.36
C PHE A 314 -13.99 9.53 19.79
N GLU A 315 -13.28 9.04 18.78
CA GLU A 315 -11.89 8.54 18.94
C GLU A 315 -10.99 9.38 18.03
N ILE A 316 -10.17 10.24 18.61
CA ILE A 316 -9.15 11.00 17.85
C ILE A 316 -7.80 10.48 18.27
N ASN A 317 -7.08 9.87 17.34
CA ASN A 317 -5.82 9.23 17.73
C ASN A 317 -4.88 10.28 18.38
N GLU A 318 -4.36 9.97 19.56
CA GLU A 318 -3.57 10.93 20.35
C GLU A 318 -2.12 10.94 19.84
N ALA A 319 -1.88 11.41 18.61
CA ALA A 319 -0.50 11.54 18.07
C ALA A 319 0.36 12.36 19.04
N PHE A 320 -0.25 13.38 19.63
CA PHE A 320 0.25 14.17 20.77
C PHE A 320 -0.94 14.41 21.65
N ALA A 321 -0.74 14.58 22.96
CA ALA A 321 -1.84 15.09 23.81
C ALA A 321 -2.37 16.40 23.20
N ALA A 322 -1.50 17.23 22.65
CA ALA A 322 -1.90 18.55 22.10
C ALA A 322 -2.89 18.39 20.93
N VAL A 323 -2.83 17.29 20.19
CA VAL A 323 -3.75 17.02 19.05
C VAL A 323 -5.14 16.77 19.60
N ALA A 324 -5.26 15.99 20.68
CA ALA A 324 -6.59 15.75 21.27
C ALA A 324 -7.17 17.09 21.70
N ILE A 325 -6.41 17.91 22.40
CA ILE A 325 -6.87 19.19 22.99
C ILE A 325 -7.31 20.12 21.86
N ALA A 326 -6.45 20.34 20.90
CA ALA A 326 -6.70 21.31 19.79
C ALA A 326 -7.89 20.84 18.95
N SER A 327 -7.98 19.54 18.68
CA SER A 327 -9.07 18.96 17.85
C SER A 327 -10.41 19.22 18.55
N THR A 328 -10.42 19.11 19.85
CA THR A 328 -11.59 19.40 20.71
C THR A 328 -12.08 20.83 20.46
N GLU A 329 -11.15 21.79 20.41
CA GLU A 329 -11.49 23.23 20.21
C GLU A 329 -12.00 23.43 18.78
N ILE A 330 -11.35 22.81 17.80
CA ILE A 330 -11.62 23.02 16.34
C ILE A 330 -12.99 22.43 16.01
N ALA A 331 -13.32 21.27 16.55
CA ALA A 331 -14.61 20.61 16.24
C ALA A 331 -15.68 20.96 17.29
N GLY A 332 -15.32 21.62 18.39
CA GLY A 332 -16.28 21.90 19.48
C GLY A 332 -16.74 20.66 20.21
N ILE A 333 -15.83 19.72 20.48
CA ILE A 333 -16.12 18.42 21.13
C ILE A 333 -16.12 18.56 22.65
N ASP A 334 -17.11 17.99 23.31
CA ASP A 334 -17.08 17.79 24.78
C ASP A 334 -16.03 16.73 25.11
N PRO A 335 -14.96 17.07 25.85
CA PRO A 335 -13.90 16.10 26.14
C PRO A 335 -14.39 14.84 26.87
N GLU A 336 -15.53 14.87 27.56
CA GLU A 336 -16.11 13.68 28.22
C GLU A 336 -16.58 12.65 27.19
N LYS A 337 -16.69 13.05 25.92
CA LYS A 337 -17.10 12.12 24.85
C LYS A 337 -15.89 11.71 23.99
N LEU A 338 -14.66 12.07 24.40
CA LEU A 338 -13.44 11.83 23.58
C LEU A 338 -12.54 10.77 24.22
N ASN A 339 -12.17 9.72 23.47
CA ASN A 339 -11.14 8.77 23.92
C ASN A 339 -11.47 8.29 25.32
N VAL A 340 -12.71 7.81 25.52
CA VAL A 340 -13.22 7.65 26.90
C VAL A 340 -12.59 6.45 27.60
N ASN A 341 -12.03 5.48 26.87
CA ASN A 341 -11.29 4.36 27.50
C ASN A 341 -9.79 4.57 27.38
N GLY A 342 -9.35 5.79 27.13
CA GLY A 342 -7.92 6.10 27.04
C GLY A 342 -7.54 6.24 25.58
N GLY A 343 -6.31 6.76 25.34
CA GLY A 343 -5.84 6.90 23.97
C GLY A 343 -4.36 6.71 23.85
N ALA A 344 -3.83 6.98 22.67
CA ALA A 344 -2.43 6.58 22.34
C ALA A 344 -1.38 7.12 23.33
N VAL A 345 -1.57 8.27 23.96
CA VAL A 345 -0.54 8.74 24.92
C VAL A 345 -0.30 7.64 25.97
N ALA A 346 -1.38 7.06 26.45
CA ALA A 346 -1.29 5.95 27.44
C ALA A 346 -1.04 4.61 26.75
N MET A 347 -1.74 4.36 25.63
CA MET A 347 -1.91 3.00 25.06
C MET A 347 -0.82 2.68 24.03
N GLY A 348 -0.21 3.71 23.44
CA GLY A 348 0.81 3.55 22.39
C GLY A 348 0.26 3.78 20.97
N HIS A 349 1.18 3.86 20.02
CA HIS A 349 0.91 4.29 18.63
C HIS A 349 1.69 3.37 17.69
N PRO A 350 1.25 2.10 17.54
CA PRO A 350 1.81 1.15 16.56
C PRO A 350 1.29 1.61 15.17
N ILE A 351 2.07 2.43 14.51
CA ILE A 351 1.61 3.39 13.48
C ILE A 351 0.67 2.74 12.45
N GLY A 352 1.02 1.61 11.82
CA GLY A 352 0.15 1.07 10.77
C GLY A 352 -1.14 0.42 11.28
N ALA A 353 -1.16 0.06 12.57
CA ALA A 353 -2.34 -0.52 13.24
C ALA A 353 -3.23 0.59 13.83
N SER A 354 -2.71 1.74 14.25
CA SER A 354 -3.52 2.66 15.10
C SER A 354 -4.86 3.02 14.46
N GLY A 355 -4.90 3.26 13.15
CA GLY A 355 -6.14 3.69 12.51
C GLY A 355 -7.22 2.62 12.64
N ALA A 356 -6.88 1.34 12.57
CA ALA A 356 -7.84 0.22 12.82
C ALA A 356 -8.09 0.10 14.31
N ARG A 357 -7.07 0.27 15.15
CA ARG A 357 -7.18 0.11 16.61
C ARG A 357 -8.22 1.10 17.17
N ILE A 358 -8.23 2.34 16.70
CA ILE A 358 -9.16 3.37 17.27
C ILE A 358 -10.58 3.02 16.86
N ILE A 359 -10.77 2.37 15.70
CA ILE A 359 -12.12 1.96 15.28
C ILE A 359 -12.58 0.82 16.18
N VAL A 360 -11.73 -0.17 16.41
CA VAL A 360 -12.01 -1.30 17.34
C VAL A 360 -12.43 -0.72 18.70
N THR A 361 -11.64 0.18 19.24
CA THR A 361 -11.94 0.81 20.55
C THR A 361 -13.23 1.63 20.50
N LEU A 362 -13.48 2.38 19.43
CA LEU A 362 -14.68 3.23 19.33
C LEU A 362 -15.90 2.30 19.36
N ILE A 363 -15.84 1.22 18.62
CA ILE A 363 -17.02 0.33 18.50
C ILE A 363 -17.37 -0.16 19.89
N HIS A 364 -16.41 -0.63 20.64
CA HIS A 364 -16.65 -1.21 21.97
C HIS A 364 -17.06 -0.13 22.96
N ALA A 365 -16.48 1.06 22.88
CA ALA A 365 -16.83 2.15 23.78
C ALA A 365 -18.30 2.51 23.51
N LEU A 366 -18.75 2.59 22.27
CA LEU A 366 -20.19 2.87 21.97
C LEU A 366 -21.06 1.73 22.50
N LYS A 367 -20.70 0.48 22.30
CA LYS A 367 -21.49 -0.70 22.75
C LYS A 367 -21.66 -0.61 24.29
N GLN A 368 -20.63 -0.17 25.01
CA GLN A 368 -20.60 -0.04 26.48
C GLN A 368 -21.52 1.10 26.94
N ARG A 369 -21.91 2.02 26.08
CA ARG A 369 -22.79 3.13 26.51
C ARG A 369 -24.18 2.90 25.92
N GLY A 370 -24.48 1.75 25.35
CA GLY A 370 -25.79 1.43 24.75
C GLY A 370 -25.89 1.86 23.30
N GLY A 371 -24.77 1.90 22.59
CA GLY A 371 -24.71 2.20 21.16
C GLY A 371 -24.80 3.65 20.84
N GLY A 372 -24.92 3.97 19.56
CA GLY A 372 -25.04 5.35 19.06
C GLY A 372 -24.07 5.64 17.90
N ILE A 373 -23.83 6.91 17.64
CA ILE A 373 -23.04 7.36 16.48
C ILE A 373 -21.66 7.75 17.01
N GLY A 374 -20.63 7.29 16.32
CA GLY A 374 -19.26 7.66 16.68
C GLY A 374 -18.50 8.13 15.48
N ILE A 375 -17.45 8.90 15.75
CA ILE A 375 -16.47 9.28 14.70
C ILE A 375 -15.08 8.89 15.21
N ALA A 376 -14.34 8.19 14.35
CA ALA A 376 -12.89 7.92 14.53
C ALA A 376 -12.17 8.85 13.55
N SER A 377 -11.15 9.58 14.02
CA SER A 377 -10.39 10.53 13.19
C SER A 377 -8.91 10.40 13.51
N ILE A 378 -8.09 10.41 12.48
CA ILE A 378 -6.63 10.21 12.66
C ILE A 378 -5.88 11.11 11.69
N CYS A 379 -4.83 11.75 12.21
CA CYS A 379 -3.83 12.50 11.42
C CYS A 379 -2.74 11.54 11.03
N SER A 380 -2.04 11.89 9.97
CA SER A 380 -0.96 11.03 9.47
C SER A 380 0.18 11.87 8.90
N GLY A 381 1.38 11.31 9.07
CA GLY A 381 2.63 11.83 8.51
C GLY A 381 2.47 12.17 7.05
N GLY A 382 2.95 13.35 6.64
CA GLY A 382 2.80 13.79 5.26
C GLY A 382 1.71 14.82 5.14
N GLY A 383 0.86 14.97 6.17
CA GLY A 383 -0.16 16.01 6.21
C GLY A 383 -1.56 15.55 5.88
N GLN A 384 -1.97 14.36 6.30
CA GLN A 384 -3.33 13.94 5.96
C GLN A 384 -4.18 13.81 7.23
N GLY A 385 -5.47 13.80 7.04
CA GLY A 385 -6.46 13.52 8.08
C GLY A 385 -7.62 12.72 7.52
N ASP A 386 -7.99 11.65 8.21
CA ASP A 386 -9.08 10.75 7.74
C ASP A 386 -10.10 10.62 8.87
N ALA A 387 -11.38 10.59 8.55
CA ALA A 387 -12.43 10.41 9.56
C ALA A 387 -13.50 9.45 9.04
N VAL A 388 -14.00 8.58 9.91
CA VAL A 388 -15.10 7.64 9.56
C VAL A 388 -16.16 7.75 10.64
N MET A 389 -17.40 7.71 10.18
CA MET A 389 -18.61 7.80 11.06
C MET A 389 -19.28 6.44 11.08
N ILE A 390 -19.52 5.90 12.25
CA ILE A 390 -20.17 4.59 12.41
C ILE A 390 -21.41 4.75 13.30
N GLU A 391 -22.25 3.75 13.22
CA GLU A 391 -23.43 3.61 14.10
C GLU A 391 -23.35 2.21 14.70
N VAL A 392 -23.37 2.11 16.04
CA VAL A 392 -23.40 0.83 16.76
C VAL A 392 -24.80 0.61 17.31
N HIS A 393 -25.39 -0.54 17.02
CA HIS A 393 -26.78 -0.88 17.43
C HIS A 393 -26.67 -1.81 18.66
N SER B 2 -20.61 5.54 -13.07
CA SER B 2 -20.87 4.05 -13.15
C SER B 2 -19.80 3.36 -14.02
N LYS B 3 -19.08 4.11 -14.87
CA LYS B 3 -17.86 3.65 -15.55
C LYS B 3 -16.76 4.70 -15.44
N THR B 4 -15.52 4.25 -15.51
CA THR B 4 -14.34 5.10 -15.42
C THR B 4 -13.72 5.16 -16.83
N VAL B 5 -13.31 6.34 -17.20
CA VAL B 5 -12.51 6.56 -18.43
C VAL B 5 -11.08 6.92 -18.08
N ILE B 6 -10.22 6.56 -18.99
CA ILE B 6 -8.78 6.95 -18.96
C ILE B 6 -8.61 8.13 -19.89
N LEU B 7 -8.16 9.26 -19.35
CA LEU B 7 -7.94 10.50 -20.15
C LEU B 7 -6.54 10.53 -20.78
N SER B 8 -5.59 9.82 -20.19
CA SER B 8 -4.18 9.92 -20.59
C SER B 8 -3.39 8.80 -19.91
N ALA B 9 -2.21 8.51 -20.46
CA ALA B 9 -1.37 7.37 -20.03
C ALA B 9 0.04 7.69 -20.49
N ALA B 10 0.98 7.74 -19.55
CA ALA B 10 2.38 8.08 -19.83
C ALA B 10 3.29 7.16 -19.03
N ARG B 11 4.48 6.94 -19.55
CA ARG B 11 5.50 6.14 -18.88
C ARG B 11 6.85 6.76 -19.16
N THR B 12 7.73 6.65 -18.20
CA THR B 12 9.16 6.89 -18.44
C THR B 12 9.67 5.77 -19.34
N PRO B 13 10.83 5.92 -19.98
CA PRO B 13 11.58 4.79 -20.47
C PRO B 13 11.85 3.90 -19.26
N VAL B 14 12.06 2.63 -19.54
CA VAL B 14 12.54 1.67 -18.51
C VAL B 14 14.07 1.59 -18.57
N GLY B 15 14.72 1.79 -17.43
CA GLY B 15 16.18 1.77 -17.31
C GLY B 15 16.65 0.41 -16.83
N LYS B 16 17.87 0.06 -17.18
CA LYS B 16 18.53 -1.15 -16.67
C LYS B 16 19.00 -0.91 -15.23
N PHE B 17 19.17 -1.98 -14.49
CA PHE B 17 19.74 -1.95 -13.13
C PHE B 17 21.11 -1.31 -13.17
N GLY B 18 21.31 -0.22 -12.42
CA GLY B 18 22.58 0.54 -12.43
C GLY B 18 22.80 1.31 -13.72
N GLY B 19 21.77 1.53 -14.49
CA GLY B 19 21.85 2.10 -15.84
C GLY B 19 21.40 3.52 -15.92
N SER B 20 20.69 3.82 -16.99
CA SER B 20 20.41 5.17 -17.45
C SER B 20 19.67 5.97 -16.39
N LEU B 21 18.80 5.35 -15.58
CA LEU B 21 17.98 6.08 -14.57
C LEU B 21 18.51 5.85 -13.15
N LYS B 22 19.73 5.34 -12.99
CA LYS B 22 20.23 4.94 -11.67
C LYS B 22 20.25 6.14 -10.71
N ASP B 23 20.41 7.37 -11.19
CA ASP B 23 20.53 8.55 -10.30
C ASP B 23 19.18 9.23 -10.10
N VAL B 24 18.07 8.57 -10.47
CA VAL B 24 16.70 9.13 -10.34
C VAL B 24 15.92 8.30 -9.32
N LYS B 25 15.39 8.95 -8.28
CA LYS B 25 14.61 8.22 -7.24
C LYS B 25 13.32 7.69 -7.85
N ALA B 26 12.84 6.57 -7.31
CA ALA B 26 11.52 6.05 -7.71
C ALA B 26 10.45 7.14 -7.70
N THR B 27 10.35 7.96 -6.65
CA THR B 27 9.28 8.97 -6.54
C THR B 27 9.41 10.03 -7.66
N GLU B 28 10.64 10.36 -8.07
CA GLU B 28 10.92 11.29 -9.19
C GLU B 28 10.47 10.63 -10.48
N LEU B 29 10.72 9.34 -10.72
CA LEU B 29 10.17 8.68 -11.91
C LEU B 29 8.65 8.73 -11.88
N GLY B 30 8.02 8.47 -10.74
CA GLY B 30 6.55 8.57 -10.62
C GLY B 30 6.09 9.98 -10.96
N GLY B 31 6.72 10.99 -10.33
CA GLY B 31 6.44 12.42 -10.57
C GLY B 31 6.43 12.76 -12.06
N ILE B 32 7.49 12.36 -12.75
CA ILE B 32 7.66 12.66 -14.20
C ILE B 32 6.47 12.06 -14.97
N ALA B 33 6.13 10.80 -14.71
CA ALA B 33 5.02 10.12 -15.43
C ALA B 33 3.68 10.77 -15.08
N ILE B 34 3.48 11.14 -13.82
CA ILE B 34 2.21 11.79 -13.40
C ILE B 34 2.12 13.15 -14.13
N LYS B 35 3.17 13.94 -14.09
CA LYS B 35 3.16 15.32 -14.68
C LYS B 35 2.82 15.22 -16.17
N ALA B 36 3.42 14.29 -16.89
CA ALA B 36 3.16 14.07 -18.32
C ALA B 36 1.72 13.65 -18.50
N ALA B 37 1.23 12.71 -17.71
CA ALA B 37 -0.17 12.27 -17.80
C ALA B 37 -1.11 13.48 -17.61
N LEU B 38 -0.83 14.37 -16.67
CA LEU B 38 -1.74 15.51 -16.41
C LEU B 38 -1.74 16.45 -17.63
N GLU B 39 -0.57 16.70 -18.19
CA GLU B 39 -0.37 17.61 -19.34
C GLU B 39 -1.09 17.02 -20.53
N ARG B 40 -0.97 15.73 -20.75
CA ARG B 40 -1.56 15.13 -21.96
C ARG B 40 -3.06 15.09 -21.79
N ALA B 41 -3.58 14.93 -20.56
CA ALA B 41 -5.02 14.94 -20.29
C ALA B 41 -5.57 16.38 -20.35
N ASN B 42 -4.71 17.39 -20.32
CA ASN B 42 -5.12 18.80 -20.09
C ASN B 42 -5.98 18.89 -18.81
N VAL B 43 -5.44 18.35 -17.71
CA VAL B 43 -6.06 18.38 -16.36
C VAL B 43 -5.11 19.16 -15.46
N ALA B 44 -5.63 20.14 -14.71
CA ALA B 44 -4.84 20.94 -13.74
C ALA B 44 -4.42 20.05 -12.56
N ALA B 45 -3.16 20.11 -12.14
CA ALA B 45 -2.68 19.36 -10.94
C ALA B 45 -3.61 19.61 -9.75
N SER B 46 -4.15 20.84 -9.59
CA SER B 46 -4.96 21.23 -8.41
C SER B 46 -6.36 20.61 -8.44
N ASP B 47 -6.80 20.05 -9.57
CA ASP B 47 -8.14 19.45 -9.72
C ASP B 47 -8.08 17.94 -9.40
N VAL B 48 -6.89 17.37 -9.29
CA VAL B 48 -6.77 15.92 -8.91
C VAL B 48 -7.36 15.74 -7.50
N GLU B 49 -8.20 14.72 -7.33
CA GLU B 49 -8.87 14.45 -6.04
C GLU B 49 -8.15 13.40 -5.22
N GLU B 50 -7.43 12.50 -5.85
CA GLU B 50 -6.74 11.40 -5.14
C GLU B 50 -5.60 10.88 -6.02
N VAL B 51 -4.51 10.49 -5.39
CA VAL B 51 -3.37 9.84 -6.09
C VAL B 51 -3.16 8.47 -5.47
N ILE B 52 -3.35 7.43 -6.27
CA ILE B 52 -3.15 6.04 -5.79
C ILE B 52 -1.94 5.49 -6.54
N PHE B 53 -0.85 5.23 -5.84
CA PHE B 53 0.39 4.86 -6.53
C PHE B 53 0.99 3.61 -5.92
N GLY B 54 1.44 2.73 -6.80
CA GLY B 54 2.08 1.45 -6.40
C GLY B 54 3.60 1.53 -6.40
N THR B 55 4.23 0.87 -5.43
CA THR B 55 5.68 0.64 -5.40
C THR B 55 5.92 -0.51 -4.41
N VAL B 56 6.81 -1.41 -4.74
CA VAL B 56 7.01 -2.63 -3.92
C VAL B 56 8.14 -2.46 -2.91
N ILE B 57 9.29 -1.88 -3.32
CA ILE B 57 10.44 -1.83 -2.36
C ILE B 57 10.37 -0.48 -1.67
N GLN B 58 9.42 -0.36 -0.74
CA GLN B 58 9.18 0.94 -0.07
C GLN B 58 10.30 1.24 0.90
N GLY B 59 10.97 0.22 1.43
CA GLY B 59 11.99 0.46 2.44
C GLY B 59 13.04 1.46 1.96
N GLY B 60 13.21 2.52 2.75
CA GLY B 60 14.16 3.61 2.54
C GLY B 60 13.64 4.67 1.59
N GLN B 61 12.41 4.55 1.07
CA GLN B 61 11.86 5.61 0.17
C GLN B 61 11.29 6.78 0.97
N GLY B 62 11.15 6.66 2.27
CA GLY B 62 10.56 7.73 3.11
C GLY B 62 9.05 7.58 3.25
N GLN B 63 8.45 8.41 4.09
CA GLN B 63 6.99 8.38 4.34
C GLN B 63 6.22 8.41 3.00
N ILE B 64 5.22 7.56 2.92
CA ILE B 64 4.14 7.53 1.88
C ILE B 64 4.68 7.97 0.53
N PRO B 65 5.43 7.07 -0.15
CA PRO B 65 6.02 7.40 -1.46
C PRO B 65 5.06 7.99 -2.50
N SER B 66 3.79 7.60 -2.48
CA SER B 66 2.80 8.15 -3.41
C SER B 66 2.72 9.68 -3.29
N ARG B 67 2.84 10.17 -2.05
CA ARG B 67 2.75 11.63 -1.78
C ARG B 67 3.99 12.32 -2.33
N GLN B 68 5.14 11.69 -2.25
CA GLN B 68 6.40 12.24 -2.79
C GLN B 68 6.24 12.32 -4.33
N ALA B 69 5.75 11.27 -4.97
CA ALA B 69 5.52 11.28 -6.45
C ALA B 69 4.54 12.40 -6.79
N ALA B 70 3.42 12.51 -6.05
CA ALA B 70 2.39 13.54 -6.31
C ALA B 70 3.04 14.94 -6.24
N ARG B 71 3.78 15.23 -5.17
CA ARG B 71 4.42 16.57 -5.00
C ARG B 71 5.46 16.79 -6.10
N ALA B 72 6.21 15.76 -6.50
CA ALA B 72 7.24 15.90 -7.57
C ALA B 72 6.56 16.24 -8.92
N ALA B 73 5.31 15.88 -9.12
CA ALA B 73 4.49 16.19 -10.31
C ALA B 73 3.90 17.61 -10.23
N GLY B 74 4.00 18.28 -9.06
CA GLY B 74 3.35 19.58 -8.84
C GLY B 74 1.93 19.43 -8.39
N ILE B 75 1.50 18.27 -7.92
CA ILE B 75 0.13 18.19 -7.33
C ILE B 75 0.19 18.82 -5.94
N PRO B 76 -0.73 19.74 -5.60
CA PRO B 76 -0.68 20.45 -4.32
C PRO B 76 -0.84 19.53 -3.09
N TRP B 77 -0.43 20.06 -1.93
CA TRP B 77 -0.56 19.37 -0.63
C TRP B 77 -2.00 18.94 -0.35
N GLU B 78 -3.00 19.66 -0.89
CA GLU B 78 -4.40 19.46 -0.50
C GLU B 78 -4.98 18.17 -1.09
N VAL B 79 -4.23 17.46 -1.94
CA VAL B 79 -4.74 16.25 -2.65
C VAL B 79 -4.37 15.03 -1.82
N GLN B 80 -5.36 14.23 -1.54
CA GLN B 80 -5.17 13.00 -0.74
C GLN B 80 -4.44 11.91 -1.55
N THR B 81 -3.82 10.97 -0.83
CA THR B 81 -3.05 9.91 -1.51
C THR B 81 -2.85 8.72 -0.56
N GLU B 82 -2.64 7.56 -1.18
CA GLU B 82 -2.12 6.37 -0.48
C GLU B 82 -1.23 5.58 -1.42
N THR B 83 -0.32 4.82 -0.82
CA THR B 83 0.62 3.96 -1.52
C THR B 83 0.14 2.50 -1.40
N VAL B 84 0.12 1.79 -2.51
CA VAL B 84 -0.33 0.38 -2.55
C VAL B 84 0.78 -0.56 -2.98
N ASN B 85 0.67 -1.75 -2.43
CA ASN B 85 1.65 -2.83 -2.64
C ASN B 85 0.85 -4.09 -2.93
N LYS B 86 0.89 -4.52 -4.19
CA LYS B 86 0.46 -5.88 -4.58
C LYS B 86 1.62 -6.47 -5.38
N VAL B 87 2.83 -6.41 -4.83
CA VAL B 87 4.11 -6.83 -5.50
C VAL B 87 4.02 -6.44 -6.99
N CYS B 88 4.27 -7.35 -7.92
CA CYS B 88 4.37 -7.06 -9.37
C CYS B 88 3.09 -6.44 -9.91
N ALA B 89 1.94 -6.59 -9.25
CA ALA B 89 0.65 -6.06 -9.73
C ALA B 89 0.37 -4.65 -9.21
N SER B 90 1.27 -4.09 -8.41
CA SER B 90 1.00 -2.83 -7.67
C SER B 90 0.45 -1.75 -8.61
N GLY B 91 1.08 -1.53 -9.74
CA GLY B 91 0.75 -0.41 -10.63
C GLY B 91 -0.59 -0.63 -11.31
N LEU B 92 -0.98 -1.89 -11.52
CA LEU B 92 -2.28 -2.23 -12.13
C LEU B 92 -3.38 -2.14 -11.07
N ARG B 93 -3.12 -2.65 -9.84
CA ARG B 93 -4.12 -2.55 -8.76
C ARG B 93 -4.36 -1.09 -8.38
N ALA B 94 -3.38 -0.23 -8.51
CA ALA B 94 -3.60 1.22 -8.30
C ALA B 94 -4.72 1.69 -9.24
N VAL B 95 -4.69 1.25 -10.49
CA VAL B 95 -5.64 1.72 -11.52
C VAL B 95 -6.99 1.07 -11.24
N THR B 96 -7.06 -0.22 -10.93
CA THR B 96 -8.36 -0.87 -10.69
C THR B 96 -8.98 -0.38 -9.39
N LEU B 97 -8.19 -0.07 -8.34
CA LEU B 97 -8.76 0.59 -7.13
C LEU B 97 -9.31 1.98 -7.48
N ALA B 98 -8.61 2.78 -8.26
CA ALA B 98 -9.10 4.10 -8.73
C ALA B 98 -10.45 3.89 -9.42
N ASP B 99 -10.55 2.87 -10.26
CA ASP B 99 -11.82 2.57 -10.97
C ASP B 99 -12.95 2.32 -9.96
N GLN B 100 -12.68 1.49 -8.95
CA GLN B 100 -13.70 1.16 -7.93
C GLN B 100 -14.13 2.43 -7.17
N ILE B 101 -13.19 3.26 -6.75
CA ILE B 101 -13.51 4.49 -5.98
C ILE B 101 -14.34 5.41 -6.87
N ILE B 102 -13.95 5.57 -8.12
CA ILE B 102 -14.72 6.45 -9.04
C ILE B 102 -16.14 5.92 -9.18
N ARG B 103 -16.29 4.62 -9.32
CA ARG B 103 -17.60 3.95 -9.49
C ARG B 103 -18.50 4.16 -8.27
N THR B 104 -17.97 4.43 -7.08
CA THR B 104 -18.83 4.72 -5.90
C THR B 104 -19.43 6.12 -6.02
N GLY B 105 -18.79 7.00 -6.76
CA GLY B 105 -19.11 8.44 -6.83
C GLY B 105 -18.37 9.22 -5.76
N ASP B 106 -17.54 8.59 -4.91
CA ASP B 106 -16.83 9.34 -3.84
C ASP B 106 -15.80 10.31 -4.42
N GLN B 107 -15.14 9.93 -5.53
CA GLN B 107 -14.25 10.82 -6.28
C GLN B 107 -14.59 10.72 -7.78
N SER B 108 -14.17 11.70 -8.57
CA SER B 108 -14.40 11.63 -10.04
C SER B 108 -13.11 11.86 -10.82
N LEU B 109 -11.97 12.17 -10.19
CA LEU B 109 -10.72 12.42 -10.93
C LEU B 109 -9.55 11.91 -10.07
N ILE B 110 -8.92 10.83 -10.54
CA ILE B 110 -7.86 10.15 -9.77
C ILE B 110 -6.65 9.94 -10.68
N VAL B 111 -5.46 10.13 -10.15
CA VAL B 111 -4.19 9.75 -10.79
C VAL B 111 -3.81 8.38 -10.21
N ALA B 112 -3.54 7.38 -11.05
CA ALA B 112 -3.07 6.07 -10.58
C ALA B 112 -1.87 5.64 -11.40
N GLY B 113 -1.00 4.84 -10.79
CA GLY B 113 0.11 4.22 -11.53
C GLY B 113 1.06 3.59 -10.57
N GLY B 114 2.33 3.48 -10.99
CA GLY B 114 3.33 2.78 -10.21
C GLY B 114 4.71 3.27 -10.54
N MET B 115 5.66 2.96 -9.67
CA MET B 115 7.07 3.40 -9.81
C MET B 115 7.94 2.34 -9.16
N GLU B 116 9.18 2.25 -9.60
CA GLU B 116 10.18 1.45 -8.91
C GLU B 116 11.57 1.92 -9.34
N SER B 117 12.48 2.05 -8.40
CA SER B 117 13.93 2.24 -8.68
C SER B 117 14.67 1.07 -8.04
N MET B 118 14.73 -0.06 -8.74
CA MET B 118 15.43 -1.22 -8.16
C MET B 118 16.93 -0.92 -8.03
N SER B 119 17.44 0.02 -8.80
CA SER B 119 18.84 0.51 -8.69
C SER B 119 19.12 1.07 -7.27
N ASN B 120 18.12 1.69 -6.66
CA ASN B 120 18.32 2.48 -5.43
C ASN B 120 17.78 1.77 -4.19
N SER B 121 17.29 0.55 -4.27
CA SER B 121 16.84 -0.16 -3.06
C SER B 121 18.04 -0.29 -2.12
N PRO B 122 17.83 -0.15 -0.80
CA PRO B 122 18.91 -0.31 0.16
C PRO B 122 19.25 -1.77 0.47
N TYR B 123 20.28 -1.91 1.29
CA TYR B 123 20.59 -3.15 2.05
C TYR B 123 20.07 -2.96 3.46
N ILE B 124 19.72 -4.05 4.12
CA ILE B 124 19.21 -4.00 5.51
C ILE B 124 19.97 -4.95 6.42
N LEU B 125 19.88 -4.62 7.69
CA LEU B 125 20.43 -5.37 8.85
C LEU B 125 19.30 -5.71 9.79
N ARG B 126 18.96 -6.99 9.94
CA ARG B 126 17.79 -7.38 10.75
C ARG B 126 18.12 -7.50 12.25
N GLY B 127 19.37 -7.65 12.60
CA GLY B 127 19.79 -7.85 14.00
C GLY B 127 20.53 -6.68 14.61
N ALA B 128 20.75 -5.60 13.88
CA ALA B 128 21.55 -4.47 14.39
C ALA B 128 20.78 -3.71 15.47
N ARG B 129 19.44 -3.82 15.52
CA ARG B 129 18.68 -3.01 16.49
C ARG B 129 18.88 -3.53 17.91
N TRP B 130 18.72 -4.83 18.09
CA TRP B 130 18.78 -5.49 19.42
C TRP B 130 20.12 -6.19 19.59
N GLY B 131 20.87 -6.39 18.51
CA GLY B 131 22.27 -6.86 18.60
C GLY B 131 22.44 -8.29 18.12
N TYR B 132 23.49 -8.54 17.35
CA TYR B 132 23.84 -9.86 16.82
C TYR B 132 24.46 -10.70 17.95
N ARG B 133 25.02 -10.06 18.96
CA ARG B 133 25.71 -10.66 20.12
C ARG B 133 27.03 -11.35 19.69
N MET B 134 26.95 -12.42 18.93
CA MET B 134 28.16 -13.09 18.42
C MET B 134 27.84 -13.95 17.19
N GLY B 135 28.84 -14.08 16.33
CA GLY B 135 28.71 -14.84 15.09
C GLY B 135 28.34 -13.97 13.90
N ASN B 136 28.69 -14.44 12.74
CA ASN B 136 28.45 -13.75 11.46
C ASN B 136 26.97 -13.82 11.13
N ASN B 137 26.47 -12.81 10.42
CA ASN B 137 25.04 -12.80 10.04
C ASN B 137 24.96 -12.25 8.61
N GLU B 138 23.78 -11.82 8.21
CA GLU B 138 23.55 -11.43 6.80
C GLU B 138 23.30 -9.93 6.68
N VAL B 139 23.82 -9.34 5.63
CA VAL B 139 23.40 -8.00 5.13
C VAL B 139 22.61 -8.24 3.84
N ILE B 140 21.39 -7.72 3.86
CA ILE B 140 20.29 -8.24 3.01
C ILE B 140 19.93 -7.23 1.92
N ASP B 141 19.92 -7.71 0.70
CA ASP B 141 19.52 -6.92 -0.49
C ASP B 141 18.00 -6.77 -0.40
N LEU B 142 17.51 -5.56 -0.18
CA LEU B 142 16.03 -5.44 -0.05
C LEU B 142 15.27 -5.78 -1.34
N ASN B 143 15.87 -5.68 -2.52
CA ASN B 143 15.14 -6.13 -3.72
C ASN B 143 14.89 -7.63 -3.58
N VAL B 144 15.90 -8.34 -3.08
CA VAL B 144 15.79 -9.82 -2.94
C VAL B 144 14.74 -10.12 -1.84
N ALA B 145 14.84 -9.50 -0.66
CA ALA B 145 14.02 -9.82 0.53
C ALA B 145 12.56 -9.47 0.35
N ASP B 146 12.29 -8.31 -0.19
CA ASP B 146 10.90 -7.76 -0.24
C ASP B 146 10.26 -7.94 -1.62
N GLY B 147 11.04 -8.20 -2.66
CA GLY B 147 10.47 -8.15 -4.02
C GLY B 147 10.62 -9.50 -4.72
N LEU B 148 11.78 -10.13 -4.63
CA LEU B 148 12.15 -11.21 -5.60
C LEU B 148 12.11 -12.59 -4.96
N THR B 149 11.85 -12.71 -3.66
CA THR B 149 11.82 -14.04 -2.97
C THR B 149 10.47 -14.21 -2.27
N CYS B 150 10.01 -15.46 -2.17
CA CYS B 150 8.72 -15.76 -1.51
C CYS B 150 8.85 -15.51 -0.01
N ALA B 151 7.88 -14.80 0.59
CA ALA B 151 7.93 -14.50 2.04
C ALA B 151 7.78 -15.82 2.82
N PHE B 152 7.20 -16.85 2.23
CA PHE B 152 6.88 -18.12 2.94
C PHE B 152 8.06 -19.09 2.83
N SER B 153 8.65 -19.27 1.65
CA SER B 153 9.71 -20.30 1.44
C SER B 153 11.10 -19.67 1.35
N GLY B 154 11.25 -18.38 1.03
CA GLY B 154 12.55 -17.78 0.69
C GLY B 154 12.98 -18.09 -0.74
N THR B 155 12.19 -18.83 -1.49
CA THR B 155 12.56 -19.23 -2.88
C THR B 155 12.45 -18.04 -3.85
N HIS B 156 13.43 -17.90 -4.74
CA HIS B 156 13.43 -16.82 -5.75
C HIS B 156 12.22 -17.03 -6.68
N MET B 157 11.58 -15.95 -7.10
CA MET B 157 10.53 -15.99 -8.14
C MET B 157 11.02 -16.74 -9.39
N GLY B 158 12.29 -16.60 -9.76
CA GLY B 158 12.82 -17.26 -10.97
C GLY B 158 12.86 -18.76 -10.84
N VAL B 159 13.04 -19.29 -9.64
CA VAL B 159 12.93 -20.75 -9.41
C VAL B 159 11.48 -21.18 -9.71
N TYR B 160 10.49 -20.45 -9.22
CA TYR B 160 9.10 -20.84 -9.50
C TYR B 160 8.83 -20.71 -11.01
N GLY B 161 9.33 -19.66 -11.67
CA GLY B 161 9.12 -19.53 -13.10
C GLY B 161 9.64 -20.76 -13.87
N GLY B 162 10.84 -21.21 -13.53
CA GLY B 162 11.46 -22.39 -14.17
C GLY B 162 10.71 -23.68 -13.83
N GLU B 163 10.19 -23.83 -12.61
CA GLU B 163 9.43 -25.06 -12.22
C GLU B 163 8.15 -25.10 -13.07
N VAL B 164 7.45 -23.97 -13.19
CA VAL B 164 6.20 -23.91 -13.99
C VAL B 164 6.50 -24.16 -15.47
N ALA B 165 7.53 -23.55 -16.07
CA ALA B 165 7.91 -23.84 -17.48
C ALA B 165 8.14 -25.35 -17.64
N LYS B 166 8.81 -26.00 -16.69
CA LYS B 166 9.14 -27.43 -16.83
C LYS B 166 7.84 -28.22 -16.77
N GLU B 167 6.94 -27.89 -15.86
CA GLU B 167 5.67 -28.63 -15.70
C GLU B 167 4.76 -28.37 -16.91
N ASP B 168 4.77 -27.15 -17.47
CA ASP B 168 3.96 -26.85 -18.70
C ASP B 168 4.58 -27.48 -19.96
N GLY B 169 5.76 -28.06 -19.89
CA GLY B 169 6.50 -28.59 -21.07
C GLY B 169 6.93 -27.49 -22.04
N ILE B 170 7.31 -26.32 -21.53
CA ILE B 170 7.83 -25.23 -22.38
C ILE B 170 9.33 -25.34 -22.51
N SER B 171 9.81 -25.61 -23.73
CA SER B 171 11.25 -25.87 -23.97
C SER B 171 12.09 -24.61 -23.78
N ARG B 172 13.35 -24.83 -23.53
CA ARG B 172 14.39 -23.78 -23.60
C ARG B 172 14.26 -23.07 -24.94
N GLU B 173 14.12 -23.82 -26.04
CA GLU B 173 14.15 -23.20 -27.39
C GLU B 173 12.91 -22.31 -27.57
N ALA B 174 11.73 -22.73 -27.09
CA ALA B 174 10.50 -21.94 -27.20
C ALA B 174 10.67 -20.63 -26.41
N GLN B 175 11.28 -20.72 -25.24
CA GLN B 175 11.51 -19.52 -24.37
C GLN B 175 12.45 -18.57 -25.07
N ASP B 176 13.50 -19.08 -25.70
CA ASP B 176 14.50 -18.22 -26.39
C ASP B 176 13.86 -17.59 -27.62
N GLU B 177 13.00 -18.32 -28.37
CA GLU B 177 12.31 -17.73 -29.54
C GLU B 177 11.40 -16.59 -29.08
N TRP B 178 10.73 -16.74 -27.93
CA TRP B 178 9.88 -15.63 -27.43
C TRP B 178 10.77 -14.46 -27.00
N ALA B 179 11.90 -14.71 -26.37
CA ALA B 179 12.81 -13.63 -25.92
C ALA B 179 13.29 -12.85 -27.16
N TYR B 180 13.65 -13.56 -28.24
CA TYR B 180 14.12 -12.95 -29.52
C TYR B 180 13.01 -12.05 -30.07
N ARG B 181 11.78 -12.54 -30.09
CA ARG B 181 10.67 -11.78 -30.70
C ARG B 181 10.31 -10.58 -29.82
N SER B 182 10.46 -10.71 -28.50
CA SER B 182 10.20 -9.58 -27.57
C SER B 182 11.22 -8.47 -27.87
N HIS B 183 12.50 -8.82 -27.96
CA HIS B 183 13.54 -7.81 -28.33
C HIS B 183 13.22 -7.20 -29.68
N GLN B 184 12.98 -8.02 -30.69
CA GLN B 184 12.82 -7.45 -32.05
C GLN B 184 11.58 -6.55 -32.11
N ARG B 185 10.49 -6.91 -31.41
CA ARG B 185 9.30 -6.06 -31.38
C ARG B 185 9.55 -4.77 -30.62
N ALA B 186 10.30 -4.81 -29.51
CA ALA B 186 10.59 -3.56 -28.77
C ALA B 186 11.51 -2.65 -29.57
N VAL B 187 12.50 -3.23 -30.23
CA VAL B 187 13.45 -2.42 -31.05
C VAL B 187 12.70 -1.80 -32.22
N SER B 188 11.87 -2.58 -32.88
CA SER B 188 11.07 -2.09 -34.04
C SER B 188 10.11 -1.01 -33.54
N ALA B 189 9.45 -1.24 -32.39
CA ALA B 189 8.52 -0.23 -31.85
C ALA B 189 9.27 1.09 -31.63
N HIS B 190 10.46 1.07 -31.07
CA HIS B 190 11.22 2.32 -30.86
C HIS B 190 11.53 2.95 -32.24
N LYS B 191 12.14 2.19 -33.14
CA LYS B 191 12.67 2.71 -34.43
C LYS B 191 11.53 3.24 -35.31
N GLU B 192 10.37 2.60 -35.23
CA GLU B 192 9.22 2.93 -36.09
C GLU B 192 8.27 3.93 -35.41
N GLY B 193 8.64 4.50 -34.26
CA GLY B 193 7.87 5.60 -33.64
C GLY B 193 6.67 5.12 -32.86
N ARG B 194 6.60 3.85 -32.50
CA ARG B 194 5.42 3.29 -31.79
C ARG B 194 5.55 3.46 -30.26
N PHE B 195 6.68 3.97 -29.74
CA PHE B 195 6.81 4.31 -28.29
C PHE B 195 6.95 5.80 -28.08
N GLU B 196 7.05 6.60 -29.17
CA GLU B 196 7.26 8.06 -29.06
C GLU B 196 6.09 8.73 -28.33
N GLU B 197 4.87 8.30 -28.56
CA GLU B 197 3.70 8.93 -27.94
C GLU B 197 3.65 8.63 -26.44
N GLU B 198 3.82 7.37 -26.06
CA GLU B 198 3.59 6.99 -24.65
C GLU B 198 4.72 7.47 -23.74
N ILE B 199 5.95 7.51 -24.21
CA ILE B 199 7.14 7.83 -23.40
C ILE B 199 7.16 9.32 -23.07
N VAL B 200 7.48 9.62 -21.83
CA VAL B 200 7.93 10.97 -21.40
C VAL B 200 9.39 10.84 -21.06
N PRO B 201 10.28 11.58 -21.75
CA PRO B 201 11.69 11.49 -21.45
C PRO B 201 12.01 11.94 -20.02
N VAL B 202 13.04 11.38 -19.47
CA VAL B 202 13.58 11.80 -18.14
C VAL B 202 14.79 12.72 -18.36
N THR B 203 14.73 13.94 -17.82
CA THR B 203 15.85 14.91 -17.90
C THR B 203 16.58 14.86 -16.56
N ILE B 204 17.90 14.62 -16.63
CA ILE B 204 18.83 14.46 -15.48
C ILE B 204 19.88 15.56 -15.60
N PRO B 205 19.77 16.62 -14.75
CA PRO B 205 20.66 17.79 -14.84
C PRO B 205 22.17 17.45 -14.82
N GLN B 206 22.99 18.18 -15.61
CA GLN B 206 24.44 17.87 -15.80
C GLN B 206 25.32 19.11 -15.55
N ARG B 207 26.10 19.04 -14.48
CA ARG B 207 27.27 19.90 -14.18
C ARG B 207 27.88 20.35 -15.51
N LYS B 208 28.44 19.39 -16.29
CA LYS B 208 29.42 19.59 -17.41
C LYS B 208 28.83 20.35 -18.63
N GLY B 209 27.50 20.37 -18.82
CA GLY B 209 26.87 21.05 -19.98
C GLY B 209 25.42 20.60 -20.19
N ASP B 210 25.08 20.18 -21.42
CA ASP B 210 23.73 19.70 -21.82
C ASP B 210 23.27 18.61 -20.85
N PRO B 211 21.98 18.61 -20.40
CA PRO B 211 21.50 17.57 -19.49
C PRO B 211 21.48 16.25 -20.25
N ILE B 212 21.41 15.16 -19.48
CA ILE B 212 21.13 13.83 -20.05
C ILE B 212 19.62 13.75 -20.17
N VAL B 213 19.18 13.49 -21.38
CA VAL B 213 17.76 13.19 -21.70
C VAL B 213 17.73 11.70 -22.01
N VAL B 214 16.99 10.98 -21.20
CA VAL B 214 16.78 9.54 -21.43
C VAL B 214 15.41 9.40 -22.08
N ALA B 215 15.37 9.00 -23.34
CA ALA B 215 14.11 8.99 -24.11
C ALA B 215 13.79 7.60 -24.66
N LYS B 216 14.65 6.62 -24.45
CA LYS B 216 14.55 5.30 -25.08
C LYS B 216 14.67 4.26 -23.98
N ASP B 217 13.91 3.18 -24.10
CA ASP B 217 14.06 2.01 -23.23
C ASP B 217 15.50 1.50 -23.36
N GLU B 218 16.17 1.28 -22.25
CA GLU B 218 17.59 0.93 -22.27
C GLU B 218 17.82 -0.54 -22.64
N ALA B 219 16.95 -1.48 -22.31
CA ALA B 219 17.32 -2.91 -22.30
C ALA B 219 17.11 -3.59 -23.67
N PRO B 220 16.17 -3.19 -24.54
CA PRO B 220 16.05 -3.91 -25.82
C PRO B 220 17.34 -3.92 -26.63
N ARG B 221 17.65 -5.04 -27.28
CA ARG B 221 18.90 -5.17 -28.07
C ARG B 221 18.60 -5.66 -29.50
N GLU B 222 18.90 -4.81 -30.49
CA GLU B 222 18.69 -5.20 -31.91
C GLU B 222 19.58 -6.39 -32.27
N ASP B 223 20.71 -6.56 -31.59
CA ASP B 223 21.68 -7.64 -31.91
C ASP B 223 21.34 -8.94 -31.15
N THR B 224 20.16 -9.04 -30.51
CA THR B 224 19.69 -10.29 -29.91
C THR B 224 19.60 -11.35 -31.01
N THR B 225 20.15 -12.54 -30.79
CA THR B 225 19.94 -13.70 -31.69
C THR B 225 19.63 -14.94 -30.87
N ILE B 226 18.92 -15.87 -31.51
CA ILE B 226 18.62 -17.22 -30.98
C ILE B 226 19.93 -17.90 -30.61
N GLU B 227 20.94 -17.80 -31.47
CA GLU B 227 22.25 -18.46 -31.22
C GLU B 227 22.86 -17.92 -29.93
N LYS B 228 22.82 -16.60 -29.70
CA LYS B 228 23.43 -16.00 -28.50
C LYS B 228 22.65 -16.42 -27.26
N LEU B 229 21.32 -16.36 -27.34
CA LEU B 229 20.44 -16.73 -26.21
C LEU B 229 20.67 -18.20 -25.82
N ALA B 230 20.88 -19.05 -26.83
CA ALA B 230 21.02 -20.50 -26.62
C ALA B 230 22.30 -20.82 -25.85
N LYS B 231 23.29 -19.94 -25.82
CA LYS B 231 24.58 -20.17 -25.13
C LYS B 231 24.50 -19.81 -23.64
N LEU B 232 23.46 -19.09 -23.22
CA LEU B 232 23.40 -18.67 -21.78
C LEU B 232 23.15 -19.88 -20.88
N LYS B 233 23.61 -19.79 -19.66
CA LYS B 233 23.39 -20.84 -18.64
C LYS B 233 22.15 -20.49 -17.83
N PRO B 234 21.42 -21.49 -17.29
CA PRO B 234 20.30 -21.20 -16.39
C PRO B 234 20.76 -20.35 -15.20
N VAL B 235 19.92 -19.39 -14.77
CA VAL B 235 20.39 -18.33 -13.84
C VAL B 235 19.86 -18.53 -12.45
N PHE B 236 18.74 -19.25 -12.27
CA PHE B 236 18.12 -19.38 -10.91
C PHE B 236 18.31 -20.79 -10.40
N ASP B 237 18.68 -21.74 -11.27
CA ASP B 237 18.57 -23.18 -10.98
C ASP B 237 19.24 -23.97 -12.10
N LYS B 238 20.28 -24.74 -11.78
CA LYS B 238 21.10 -25.50 -12.76
C LYS B 238 20.25 -26.44 -13.63
N THR B 239 19.13 -26.96 -13.13
CA THR B 239 18.31 -27.98 -13.86
C THR B 239 17.30 -27.29 -14.81
N ALA B 240 17.25 -25.95 -14.83
CA ALA B 240 16.08 -25.22 -15.35
C ALA B 240 16.34 -24.67 -16.75
N THR B 241 15.32 -24.09 -17.38
CA THR B 241 15.42 -23.49 -18.73
C THR B 241 15.42 -21.95 -18.68
N VAL B 242 15.30 -21.36 -17.50
CA VAL B 242 15.17 -19.89 -17.36
C VAL B 242 16.57 -19.31 -17.26
N THR B 243 16.89 -18.35 -18.11
CA THR B 243 18.23 -17.70 -18.18
C THR B 243 18.09 -16.20 -17.99
N ALA B 244 19.21 -15.48 -17.97
CA ALA B 244 19.23 -14.00 -17.93
C ALA B 244 18.65 -13.44 -19.23
N GLY B 245 18.54 -14.25 -20.28
CA GLY B 245 18.15 -13.83 -21.63
C GLY B 245 16.66 -14.03 -21.87
N ASN B 246 16.05 -15.00 -21.20
CA ASN B 246 14.63 -15.31 -21.49
C ASN B 246 13.74 -14.96 -20.31
N ALA B 247 14.25 -14.13 -19.39
CA ALA B 247 13.49 -13.56 -18.29
C ALA B 247 14.03 -12.15 -18.09
N PRO B 248 13.19 -11.19 -17.69
CA PRO B 248 13.66 -9.85 -17.38
C PRO B 248 14.60 -9.90 -16.18
N GLY B 249 15.41 -8.86 -16.07
CA GLY B 249 16.29 -8.60 -14.90
C GLY B 249 15.60 -7.65 -13.97
N LEU B 250 16.39 -6.72 -13.40
CA LEU B 250 15.91 -5.69 -12.46
C LEU B 250 15.97 -4.36 -13.19
N ASN B 251 14.98 -3.51 -12.93
CA ASN B 251 14.81 -2.29 -13.74
C ASN B 251 14.24 -1.15 -12.92
N ASP B 252 14.30 0.03 -13.52
CA ASP B 252 13.77 1.31 -13.01
C ASP B 252 12.75 1.91 -13.96
N GLY B 253 11.62 2.45 -13.43
CA GLY B 253 10.66 3.12 -14.28
C GLY B 253 9.43 3.60 -13.52
N GLY B 254 8.67 4.45 -14.18
CA GLY B 254 7.42 4.99 -13.66
C GLY B 254 6.36 5.05 -14.74
N ALA B 255 5.11 4.93 -14.36
CA ALA B 255 3.99 4.99 -15.31
C ALA B 255 2.78 5.53 -14.55
N ALA B 256 1.91 6.25 -15.25
CA ALA B 256 0.76 6.94 -14.63
C ALA B 256 -0.36 7.14 -15.64
N LEU B 257 -1.58 7.08 -15.14
CA LEU B 257 -2.83 7.25 -15.91
C LEU B 257 -3.69 8.25 -15.16
N VAL B 258 -4.39 9.08 -15.94
CA VAL B 258 -5.39 10.01 -15.35
C VAL B 258 -6.76 9.37 -15.59
N LEU B 259 -7.50 9.06 -14.52
CA LEU B 259 -8.85 8.44 -14.56
C LEU B 259 -9.90 9.47 -14.17
N MET B 260 -11.04 9.39 -14.83
CA MET B 260 -12.18 10.29 -14.60
C MET B 260 -13.47 9.49 -14.76
N SER B 261 -14.52 9.87 -14.02
CA SER B 261 -15.84 9.28 -14.24
C SER B 261 -16.27 9.66 -15.68
N GLU B 262 -16.91 8.70 -16.32
CA GLU B 262 -17.51 8.84 -17.67
C GLU B 262 -18.41 10.09 -17.68
N ASP B 263 -19.18 10.34 -16.62
CA ASP B 263 -20.08 11.52 -16.51
C ASP B 263 -19.30 12.84 -16.53
N ARG B 264 -18.32 12.98 -15.64
CA ARG B 264 -17.53 14.23 -15.58
C ARG B 264 -16.85 14.46 -16.94
N ALA B 265 -16.35 13.40 -17.59
CA ALA B 265 -15.58 13.54 -18.86
C ALA B 265 -16.53 14.12 -19.93
N LYS B 266 -17.77 13.64 -19.99
CA LYS B 266 -18.81 14.18 -20.90
C LYS B 266 -19.05 15.66 -20.60
N GLN B 267 -19.37 15.98 -19.34
CA GLN B 267 -19.64 17.36 -18.88
C GLN B 267 -18.50 18.30 -19.25
N GLU B 268 -17.25 17.85 -19.25
CA GLU B 268 -16.08 18.72 -19.53
C GLU B 268 -15.72 18.72 -21.02
N GLY B 269 -16.48 18.01 -21.87
CA GLY B 269 -16.21 17.84 -23.33
C GLY B 269 -14.89 17.12 -23.58
N ARG B 270 -14.59 16.08 -22.81
CA ARG B 270 -13.28 15.39 -22.92
C ARG B 270 -13.49 14.15 -23.77
N LYS B 271 -12.56 13.87 -24.69
CA LYS B 271 -12.54 12.61 -25.49
C LYS B 271 -11.63 11.63 -24.77
N PRO B 272 -12.20 10.60 -24.12
CA PRO B 272 -11.36 9.67 -23.39
C PRO B 272 -10.44 8.90 -24.35
N LEU B 273 -9.23 8.61 -23.92
CA LEU B 273 -8.31 7.68 -24.62
C LEU B 273 -8.94 6.29 -24.59
N ALA B 274 -9.53 5.90 -23.46
CA ALA B 274 -10.08 4.55 -23.28
C ALA B 274 -11.12 4.51 -22.16
N THR B 275 -11.88 3.43 -22.11
CA THR B 275 -12.88 3.17 -21.06
C THR B 275 -12.44 1.90 -20.36
N ILE B 276 -12.50 1.92 -19.04
CA ILE B 276 -12.32 0.66 -18.28
C ILE B 276 -13.63 -0.11 -18.29
N LEU B 277 -13.66 -1.29 -18.90
CA LEU B 277 -14.92 -2.09 -18.99
C LEU B 277 -15.09 -2.97 -17.73
N ALA B 278 -14.02 -3.60 -17.23
CA ALA B 278 -14.13 -4.58 -16.15
C ALA B 278 -12.73 -4.97 -15.69
N HIS B 279 -12.64 -5.50 -14.50
CA HIS B 279 -11.38 -6.13 -14.05
C HIS B 279 -11.70 -7.24 -13.08
N THR B 280 -10.75 -8.09 -12.87
CA THR B 280 -10.89 -9.16 -11.87
C THR B 280 -9.52 -9.60 -11.38
N ALA B 281 -9.51 -10.34 -10.29
CA ALA B 281 -8.24 -10.86 -9.76
C ALA B 281 -8.51 -12.24 -9.18
N ILE B 282 -7.49 -13.07 -9.23
CA ILE B 282 -7.52 -14.44 -8.69
C ILE B 282 -6.27 -14.63 -7.86
N ALA B 283 -6.25 -15.67 -7.06
CA ALA B 283 -5.09 -15.95 -6.20
C ALA B 283 -4.96 -17.47 -6.07
N VAL B 284 -3.71 -17.88 -6.01
CA VAL B 284 -3.25 -19.28 -5.93
C VAL B 284 -2.10 -19.37 -4.93
N GLU B 285 -1.60 -20.58 -4.70
CA GLU B 285 -0.42 -20.70 -3.83
C GLU B 285 0.74 -19.90 -4.46
N SER B 286 1.60 -19.37 -3.63
CA SER B 286 2.79 -18.58 -4.03
C SER B 286 3.56 -19.25 -5.17
N LYS B 287 3.88 -20.54 -5.09
CA LYS B 287 4.76 -21.18 -6.10
C LYS B 287 4.05 -21.20 -7.48
N ASP B 288 2.74 -21.05 -7.55
CA ASP B 288 2.00 -21.17 -8.83
C ASP B 288 1.79 -19.79 -9.44
N PHE B 289 2.40 -18.74 -8.88
CA PHE B 289 2.16 -17.36 -9.39
C PHE B 289 2.32 -17.26 -10.91
N PRO B 290 3.31 -17.90 -11.57
CA PRO B 290 3.47 -17.69 -13.00
C PRO B 290 2.29 -18.19 -13.86
N ARG B 291 1.45 -19.07 -13.30
CA ARG B 291 0.26 -19.62 -13.99
C ARG B 291 -0.86 -18.60 -14.06
N THR B 292 -0.88 -17.52 -13.26
CA THR B 292 -2.12 -16.78 -13.03
C THR B 292 -2.60 -15.94 -14.23
N PRO B 293 -1.76 -15.42 -15.17
CA PRO B 293 -2.33 -14.46 -16.12
C PRO B 293 -3.41 -15.07 -17.02
N GLY B 294 -3.21 -16.29 -17.49
CA GLY B 294 -4.19 -16.97 -18.34
C GLY B 294 -5.47 -17.21 -17.56
N TYR B 295 -5.35 -17.61 -16.28
CA TYR B 295 -6.51 -17.86 -15.39
C TYR B 295 -7.25 -16.54 -15.17
N ALA B 296 -6.53 -15.43 -14.93
CA ALA B 296 -7.19 -14.13 -14.69
C ALA B 296 -7.97 -13.70 -15.95
N ILE B 297 -7.40 -13.87 -17.12
CA ILE B 297 -8.07 -13.55 -18.41
C ILE B 297 -9.35 -14.40 -18.51
N ASN B 298 -9.25 -15.71 -18.29
CA ASN B 298 -10.43 -16.61 -18.41
C ASN B 298 -11.51 -16.17 -17.43
N ALA B 299 -11.16 -15.80 -16.19
CA ALA B 299 -12.13 -15.32 -15.20
C ALA B 299 -12.78 -14.01 -15.70
N LEU B 300 -12.03 -13.11 -16.33
CA LEU B 300 -12.55 -11.78 -16.74
C LEU B 300 -13.47 -11.99 -17.94
N LEU B 301 -13.14 -12.96 -18.80
CA LEU B 301 -14.03 -13.28 -19.97
C LEU B 301 -15.35 -13.88 -19.41
N GLU B 302 -15.27 -14.78 -18.45
CA GLU B 302 -16.51 -15.35 -17.85
C GLU B 302 -17.32 -14.19 -17.23
N LYS B 303 -16.68 -13.28 -16.50
CA LYS B 303 -17.40 -12.20 -15.79
C LYS B 303 -18.09 -11.28 -16.79
N THR B 304 -17.49 -11.04 -17.96
CA THR B 304 -18.02 -10.03 -18.92
C THR B 304 -18.90 -10.67 -20.00
N GLY B 305 -19.07 -12.00 -19.99
CA GLY B 305 -19.76 -12.77 -21.05
C GLY B 305 -19.12 -12.62 -22.41
N LYS B 306 -17.79 -12.44 -22.45
CA LYS B 306 -17.02 -12.30 -23.71
C LYS B 306 -16.24 -13.59 -23.89
N THR B 307 -15.69 -13.82 -25.10
CA THR B 307 -14.78 -14.96 -25.39
C THR B 307 -13.47 -14.38 -25.92
N ILE B 308 -12.47 -15.23 -26.08
CA ILE B 308 -11.11 -14.76 -26.45
C ILE B 308 -11.17 -14.06 -27.81
N GLU B 309 -12.10 -14.45 -28.70
CA GLU B 309 -12.18 -13.83 -30.06
C GLU B 309 -12.71 -12.38 -30.03
N ASP B 310 -13.31 -11.94 -28.93
CA ASP B 310 -13.85 -10.56 -28.77
C ASP B 310 -12.71 -9.59 -28.43
N ILE B 311 -11.52 -10.10 -28.17
CA ILE B 311 -10.39 -9.23 -27.73
C ILE B 311 -9.42 -8.98 -28.88
N ASP B 312 -9.09 -7.71 -29.10
CA ASP B 312 -8.21 -7.25 -30.19
C ASP B 312 -6.74 -7.41 -29.83
N LEU B 313 -6.34 -7.07 -28.59
CA LEU B 313 -4.91 -7.09 -28.22
C LEU B 313 -4.80 -7.47 -26.76
N PHE B 314 -3.67 -8.08 -26.42
CA PHE B 314 -3.37 -8.51 -25.05
C PHE B 314 -2.04 -7.91 -24.65
N GLU B 315 -1.93 -7.55 -23.37
CA GLU B 315 -0.59 -7.36 -22.75
C GLU B 315 -0.52 -8.29 -21.56
N ILE B 316 0.35 -9.25 -21.59
CA ILE B 316 0.61 -10.13 -20.44
C ILE B 316 2.02 -9.84 -20.02
N ASN B 317 2.21 -9.35 -18.80
CA ASN B 317 3.58 -8.98 -18.39
C ASN B 317 4.51 -10.19 -18.49
N GLU B 318 5.65 -10.02 -19.16
CA GLU B 318 6.58 -11.13 -19.42
C GLU B 318 7.47 -11.37 -18.20
N ALA B 319 6.89 -11.85 -17.10
CA ALA B 319 7.68 -12.17 -15.88
C ALA B 319 8.75 -13.21 -16.25
N PHE B 320 8.40 -14.12 -17.16
CA PHE B 320 9.30 -15.07 -17.85
C PHE B 320 8.75 -15.20 -19.25
N ALA B 321 9.61 -15.43 -20.22
CA ALA B 321 9.10 -15.78 -21.57
C ALA B 321 8.07 -16.92 -21.41
N ALA B 322 8.34 -17.89 -20.54
CA ALA B 322 7.50 -19.10 -20.39
C ALA B 322 6.09 -18.72 -19.96
N VAL B 323 5.93 -17.59 -19.25
CA VAL B 323 4.60 -17.09 -18.82
C VAL B 323 3.81 -16.63 -20.03
N ALA B 324 4.45 -15.91 -20.95
CA ALA B 324 3.75 -15.44 -22.15
C ALA B 324 3.28 -16.67 -22.93
N ILE B 325 4.16 -17.65 -23.06
CA ILE B 325 3.88 -18.86 -23.89
C ILE B 325 2.73 -19.67 -23.27
N ALA B 326 2.84 -20.01 -22.01
CA ALA B 326 1.81 -20.83 -21.32
C ALA B 326 0.48 -20.07 -21.27
N SER B 327 0.50 -18.78 -20.97
CA SER B 327 -0.76 -17.98 -20.90
C SER B 327 -1.47 -18.03 -22.25
N THR B 328 -0.72 -18.02 -23.34
CA THR B 328 -1.26 -18.18 -24.70
C THR B 328 -2.11 -19.45 -24.82
N GLU B 329 -1.58 -20.58 -24.35
CA GLU B 329 -2.22 -21.90 -24.47
C GLU B 329 -3.41 -21.93 -23.51
N ILE B 330 -3.27 -21.45 -22.27
CA ILE B 330 -4.34 -21.48 -21.24
C ILE B 330 -5.54 -20.64 -21.70
N ALA B 331 -5.33 -19.48 -22.34
CA ALA B 331 -6.43 -18.57 -22.73
C ALA B 331 -6.80 -18.73 -24.22
N GLY B 332 -6.05 -19.52 -24.99
CA GLY B 332 -6.32 -19.67 -26.45
C GLY B 332 -6.03 -18.39 -27.22
N ILE B 333 -4.90 -17.72 -26.91
CA ILE B 333 -4.57 -16.39 -27.51
C ILE B 333 -3.74 -16.59 -28.77
N ASP B 334 -4.07 -15.89 -29.84
CA ASP B 334 -3.19 -15.72 -31.02
C ASP B 334 -1.96 -14.94 -30.58
N PRO B 335 -0.73 -15.52 -30.60
CA PRO B 335 0.47 -14.81 -30.17
C PRO B 335 0.69 -13.51 -30.94
N GLU B 336 0.18 -13.40 -32.18
CA GLU B 336 0.30 -12.16 -33.00
C GLU B 336 -0.46 -11.03 -32.33
N LYS B 337 -1.37 -11.34 -31.39
CA LYS B 337 -2.13 -10.27 -30.70
C LYS B 337 -1.56 -10.02 -29.29
N LEU B 338 -0.39 -10.56 -28.97
CA LEU B 338 0.16 -10.51 -27.58
C LEU B 338 1.43 -9.66 -27.58
N ASN B 339 1.52 -8.68 -26.68
CA ASN B 339 2.79 -7.95 -26.43
C ASN B 339 3.38 -7.47 -27.76
N VAL B 340 2.59 -6.78 -28.57
CA VAL B 340 2.92 -6.59 -30.02
C VAL B 340 4.06 -5.58 -30.22
N ASN B 341 4.26 -4.66 -29.26
CA ASN B 341 5.40 -3.73 -29.24
C ASN B 341 6.53 -4.23 -28.35
N GLY B 342 6.55 -5.51 -28.00
CA GLY B 342 7.59 -6.06 -27.12
C GLY B 342 7.12 -6.15 -25.67
N GLY B 343 7.90 -6.82 -24.81
CA GLY B 343 7.47 -6.91 -23.41
C GLY B 343 8.64 -6.99 -22.51
N ALA B 344 8.40 -7.37 -21.25
CA ALA B 344 9.39 -7.23 -20.18
C ALA B 344 10.67 -8.03 -20.46
N VAL B 345 10.63 -9.15 -21.20
CA VAL B 345 11.91 -9.89 -21.42
C VAL B 345 12.88 -8.91 -22.09
N ALA B 346 12.43 -8.15 -23.08
CA ALA B 346 13.27 -7.12 -23.75
C ALA B 346 13.34 -5.81 -22.95
N MET B 347 12.22 -5.38 -22.42
CA MET B 347 12.06 -3.98 -21.92
C MET B 347 12.43 -3.84 -20.45
N GLY B 348 12.37 -4.92 -19.68
CA GLY B 348 12.59 -4.84 -18.23
C GLY B 348 11.30 -4.90 -17.41
N HIS B 349 11.47 -5.13 -16.09
CA HIS B 349 10.38 -5.38 -15.15
C HIS B 349 10.66 -4.57 -13.87
N PRO B 350 10.42 -3.25 -13.93
CA PRO B 350 10.51 -2.39 -12.74
C PRO B 350 9.25 -2.65 -11.89
N ILE B 351 9.40 -3.56 -10.92
CA ILE B 351 8.24 -4.37 -10.43
C ILE B 351 7.03 -3.50 -10.04
N GLY B 352 7.13 -2.43 -9.24
CA GLY B 352 5.97 -1.64 -8.83
C GLY B 352 5.33 -0.83 -9.96
N ALA B 353 6.07 -0.62 -11.06
CA ALA B 353 5.61 0.14 -12.24
C ALA B 353 4.99 -0.78 -13.29
N SER B 354 5.42 -2.03 -13.39
CA SER B 354 5.11 -2.83 -14.61
C SER B 354 3.59 -2.92 -14.84
N GLY B 355 2.79 -3.05 -13.78
CA GLY B 355 1.34 -3.21 -13.94
C GLY B 355 0.71 -2.01 -14.61
N ALA B 356 1.19 -0.82 -14.28
CA ALA B 356 0.76 0.43 -14.94
C ALA B 356 1.40 0.55 -16.32
N ARG B 357 2.66 0.12 -16.46
CA ARG B 357 3.43 0.26 -17.72
C ARG B 357 2.70 -0.55 -18.81
N ILE B 358 2.27 -1.77 -18.51
CA ILE B 358 1.62 -2.62 -19.56
C ILE B 358 0.29 -2.01 -19.99
N ILE B 359 -0.43 -1.31 -19.12
CA ILE B 359 -1.69 -0.62 -19.49
C ILE B 359 -1.37 0.55 -20.41
N VAL B 360 -0.38 1.37 -20.06
CA VAL B 360 0.11 2.46 -20.97
C VAL B 360 0.40 1.87 -22.36
N THR B 361 1.20 0.81 -22.41
CA THR B 361 1.61 0.15 -23.67
C THR B 361 0.38 -0.39 -24.40
N LEU B 362 -0.50 -1.07 -23.70
CA LEU B 362 -1.73 -1.65 -24.31
C LEU B 362 -2.56 -0.54 -24.97
N ILE B 363 -2.75 0.57 -24.27
CA ILE B 363 -3.62 1.64 -24.78
C ILE B 363 -3.05 2.14 -26.10
N HIS B 364 -1.76 2.39 -26.15
CA HIS B 364 -1.15 2.99 -27.36
C HIS B 364 -1.10 1.96 -28.48
N ALA B 365 -0.85 0.69 -28.16
CA ALA B 365 -0.85 -0.35 -29.20
C ALA B 365 -2.24 -0.48 -29.79
N LEU B 366 -3.29 -0.50 -28.98
CA LEU B 366 -4.68 -0.57 -29.52
C LEU B 366 -4.95 0.66 -30.37
N LYS B 367 -4.61 1.83 -29.88
CA LYS B 367 -4.82 3.08 -30.65
C LYS B 367 -4.11 2.97 -32.02
N GLN B 368 -2.88 2.50 -32.02
CA GLN B 368 -2.08 2.33 -33.27
C GLN B 368 -2.81 1.40 -34.25
N ARG B 369 -3.52 0.37 -33.74
CA ARG B 369 -4.25 -0.63 -34.57
C ARG B 369 -5.71 -0.23 -34.85
N GLY B 370 -6.11 0.99 -34.53
CA GLY B 370 -7.41 1.59 -34.90
C GLY B 370 -8.44 1.39 -33.81
N GLY B 371 -8.00 1.15 -32.57
CA GLY B 371 -8.90 0.97 -31.41
C GLY B 371 -9.43 -0.44 -31.29
N GLY B 372 -10.27 -0.67 -30.27
CA GLY B 372 -10.82 -1.99 -29.95
C GLY B 372 -10.74 -2.32 -28.47
N ILE B 373 -10.85 -3.60 -28.17
CA ILE B 373 -10.89 -4.11 -26.78
C ILE B 373 -9.55 -4.73 -26.50
N GLY B 374 -9.01 -4.40 -25.32
CA GLY B 374 -7.74 -5.00 -24.91
C GLY B 374 -7.86 -5.56 -23.52
N ILE B 375 -7.02 -6.54 -23.20
CA ILE B 375 -6.85 -6.98 -21.80
C ILE B 375 -5.39 -6.86 -21.43
N ALA B 376 -5.13 -6.29 -20.26
CA ALA B 376 -3.78 -6.31 -19.62
C ALA B 376 -3.91 -7.29 -18.44
N SER B 377 -2.96 -8.22 -18.33
CA SER B 377 -2.92 -9.24 -17.25
C SER B 377 -1.53 -9.37 -16.70
N ILE B 378 -1.43 -9.50 -15.37
CA ILE B 378 -0.13 -9.53 -14.70
C ILE B 378 -0.19 -10.51 -13.54
N CYS B 379 0.80 -11.35 -13.44
CA CYS B 379 1.00 -12.25 -12.27
C CYS B 379 1.83 -11.50 -11.25
N SER B 380 1.77 -11.91 -10.00
CA SER B 380 2.53 -11.20 -8.95
C SER B 380 3.01 -12.17 -7.90
N GLY B 381 4.16 -11.84 -7.33
CA GLY B 381 4.76 -12.59 -6.21
C GLY B 381 3.77 -12.80 -5.09
N GLY B 382 3.74 -13.99 -4.53
CA GLY B 382 2.77 -14.39 -3.51
C GLY B 382 1.62 -15.19 -4.08
N GLY B 383 1.47 -15.22 -5.42
CA GLY B 383 0.50 -16.08 -6.12
C GLY B 383 -0.75 -15.35 -6.56
N GLN B 384 -0.68 -14.16 -7.14
CA GLN B 384 -1.91 -13.48 -7.55
C GLN B 384 -1.84 -13.22 -9.06
N GLY B 385 -3.00 -12.98 -9.62
CA GLY B 385 -3.16 -12.51 -11.01
C GLY B 385 -4.27 -11.50 -11.09
N ASP B 386 -4.03 -10.43 -11.84
CA ASP B 386 -5.01 -9.33 -12.01
C ASP B 386 -5.16 -9.11 -13.51
N ALA B 387 -6.36 -8.81 -13.94
CA ALA B 387 -6.60 -8.50 -15.37
C ALA B 387 -7.59 -7.36 -15.48
N VAL B 388 -7.37 -6.46 -16.44
CA VAL B 388 -8.29 -5.35 -16.71
C VAL B 388 -8.59 -5.32 -18.23
N MET B 389 -9.86 -5.10 -18.54
CA MET B 389 -10.37 -5.01 -19.91
C MET B 389 -10.68 -3.54 -20.19
N ILE B 390 -10.15 -3.01 -21.29
CA ILE B 390 -10.33 -1.61 -21.68
C ILE B 390 -10.82 -1.59 -23.12
N GLU B 391 -11.47 -0.49 -23.43
CA GLU B 391 -11.88 -0.18 -24.82
C GLU B 391 -11.16 1.10 -25.24
N VAL B 392 -10.38 1.07 -26.31
CA VAL B 392 -9.85 2.32 -26.93
C VAL B 392 -10.70 2.72 -28.13
N HIS B 393 -11.17 3.97 -28.21
CA HIS B 393 -12.19 4.41 -29.21
C HIS B 393 -11.52 4.82 -30.54
C1 GOL C . 4.39 10.38 17.86
O1 GOL C . 2.97 10.39 17.64
C2 GOL C . 4.93 8.96 17.93
O2 GOL C . 4.69 8.33 16.65
C3 GOL C . 6.42 8.89 18.20
O3 GOL C . 6.82 9.33 19.50
C1 GOL D . 11.71 -11.95 -12.91
O1 GOL D . 10.42 -11.71 -13.49
C2 GOL D . 12.42 -10.66 -12.55
O2 GOL D . 11.65 -9.92 -11.60
C3 GOL D . 13.81 -10.86 -11.95
O3 GOL D . 14.72 -11.56 -12.79
C1 GOL E . 15.72 -6.52 -18.90
O1 GOL E . 15.16 -6.80 -17.65
C2 GOL E . 17.20 -6.19 -18.75
O2 GOL E . 17.38 -4.97 -18.01
C3 GOL E . 17.95 -7.33 -18.09
O3 GOL E . 19.36 -7.12 -18.04
#